data_4W9R
#
_entry.id   4W9R
#
_cell.length_a   145.229
_cell.length_b   145.229
_cell.length_c   138.391
_cell.angle_alpha   90.000
_cell.angle_beta   90.000
_cell.angle_gamma   120.000
#
_symmetry.space_group_name_H-M   'P 61'
#
loop_
_entity.id
_entity.type
_entity.pdbx_description
1 polymer 'Uncharacterized protein'
2 non-polymer GLYCEROL
3 non-polymer 'ACETATE ION'
4 water water
#
_entity_poly.entity_id   1
_entity_poly.type   'polypeptide(L)'
_entity_poly.pdbx_seq_one_letter_code
;SNAQVISETFSSGRLNRKQKIGIYKPEKYTDRQAYPLIVVLNAETL(MSE)EPVVS(MSE)VRYYEQFGE(MSE)PKCIV
VGVYEPKQEDVTVVEEVGRPINESARFFEFVSAELVPYIQGKYPIADLKGVIASEEAGFLANYY(MSE)LAEKKPTFN
(MSE)IVSLNPVALPR(MSE)GEEFSHALAAGVPNRLFYY(MSE)ATADVENKVVYDKAIQFERA(MSE)RSAPVHESVE
YHFVDFKGSSVNAAKLQGIAQALD(MSE)CFDIYKPIGGKEFKTQ(MSE)ETLETGIYEYLENKYNTIYKQLGVKKVPIL
NDV(MSE)ATYTAINSSQDWESLKKLAKYVESNGYLKTA(MSE)PNFFLAEYYEKIGDDKKALKTYQKAYTEPNIDFITG
DLINERITHLQATKRKSKHTKVIEPIEPTEEVAPAQEEQNPTDESNQN
;
_entity_poly.pdbx_strand_id   A,B
#
loop_
_chem_comp.id
_chem_comp.type
_chem_comp.name
_chem_comp.formula
ACT non-polymer 'ACETATE ION' 'C2 H3 O2 -1'
GOL non-polymer GLYCEROL 'C3 H8 O3'
#
# COMPACT_ATOMS: atom_id res chain seq x y z
N GLN A 4 13.96 -0.12 10.38
CA GLN A 4 14.09 -0.94 11.59
C GLN A 4 12.94 -0.68 12.57
N VAL A 5 12.17 -1.73 12.85
CA VAL A 5 11.08 -1.64 13.81
C VAL A 5 11.44 -2.40 15.09
N ILE A 6 11.64 -1.68 16.17
CA ILE A 6 12.07 -2.27 17.43
C ILE A 6 10.90 -2.60 18.33
N SER A 7 10.75 -3.88 18.66
CA SER A 7 9.68 -4.33 19.55
C SER A 7 10.13 -4.28 21.00
N GLU A 8 9.22 -3.88 21.89
CA GLU A 8 9.50 -3.88 23.32
C GLU A 8 8.20 -4.07 24.10
N THR A 9 8.32 -4.57 25.33
CA THR A 9 7.15 -4.76 26.18
C THR A 9 6.88 -3.52 27.02
N PHE A 10 5.61 -3.17 27.16
CA PHE A 10 5.22 -1.98 27.91
C PHE A 10 4.28 -2.35 29.06
N SER A 11 4.67 -1.99 30.29
CA SER A 11 3.84 -2.26 31.44
C SER A 11 2.72 -1.23 31.58
N SER A 12 1.48 -1.71 31.55
CA SER A 12 0.33 -0.82 31.61
C SER A 12 -0.42 -0.96 32.93
N GLY A 13 -0.69 0.17 33.58
CA GLY A 13 -1.43 0.17 34.82
C GLY A 13 -2.91 -0.11 34.60
N ARG A 14 -3.44 0.41 33.51
CA ARG A 14 -4.86 0.25 33.19
C ARG A 14 -5.17 -1.13 32.62
N LEU A 15 -4.22 -1.69 31.87
CA LEU A 15 -4.40 -3.02 31.31
C LEU A 15 -3.98 -4.11 32.29
N ASN A 16 -3.26 -3.70 33.34
CA ASN A 16 -2.76 -4.62 34.35
C ASN A 16 -1.98 -5.79 33.75
N ARG A 17 -1.24 -5.52 32.69
CA ARG A 17 -0.45 -6.54 32.01
C ARG A 17 0.71 -5.93 31.24
N LYS A 18 1.51 -6.79 30.60
CA LYS A 18 2.59 -6.33 29.75
C LYS A 18 2.18 -6.39 28.29
N GLN A 19 2.05 -5.22 27.67
CA GLN A 19 1.60 -5.13 26.29
C GLN A 19 2.76 -5.07 25.31
N LYS A 20 2.70 -5.89 24.27
CA LYS A 20 3.72 -5.89 23.23
C LYS A 20 3.51 -4.72 22.27
N ILE A 21 4.52 -3.89 22.12
CA ILE A 21 4.47 -2.74 21.22
C ILE A 21 5.74 -2.69 20.37
N GLY A 22 5.74 -1.83 19.36
CA GLY A 22 6.94 -1.62 18.58
C GLY A 22 7.01 -0.20 18.03
N ILE A 23 8.23 0.23 17.74
CA ILE A 23 8.49 1.63 17.44
C ILE A 23 9.34 1.77 16.18
N TYR A 24 8.96 2.70 15.32
CA TYR A 24 9.75 2.99 14.13
C TYR A 24 10.36 4.38 14.20
N LYS A 25 11.69 4.43 14.30
CA LYS A 25 12.43 5.68 14.13
C LYS A 25 12.85 5.84 12.68
N PRO A 26 12.64 7.03 12.10
CA PRO A 26 13.09 7.31 10.74
C PRO A 26 14.60 7.12 10.60
N GLU A 27 15.05 6.81 9.38
N GLU A 27 15.04 6.67 9.42
CA GLU A 27 16.46 6.92 9.03
CA GLU A 27 16.40 6.16 9.25
C GLU A 27 16.86 8.40 9.06
C GLU A 27 17.45 7.22 9.56
N LYS A 28 18.14 8.66 9.34
N LYS A 28 17.23 8.43 9.06
CA LYS A 28 18.67 10.02 9.48
CA LYS A 28 18.07 9.55 9.44
C LYS A 28 17.91 10.83 10.54
C LYS A 28 17.34 10.35 10.50
N TYR A 29 17.82 10.26 11.74
CA TYR A 29 17.13 10.89 12.85
C TYR A 29 17.95 11.97 13.53
N THR A 30 17.26 13.01 13.98
CA THR A 30 17.90 14.07 14.76
C THR A 30 16.91 14.65 15.78
N ASP A 31 17.43 15.13 16.90
CA ASP A 31 16.59 15.76 17.92
C ASP A 31 16.31 17.21 17.58
N ARG A 32 16.88 17.67 16.47
CA ARG A 32 16.76 19.07 16.07
C ARG A 32 15.38 19.40 15.49
N GLN A 33 14.56 18.37 15.27
CA GLN A 33 13.24 18.58 14.70
C GLN A 33 12.18 17.70 15.37
N ALA A 34 10.92 18.10 15.21
CA ALA A 34 9.79 17.38 15.77
C ALA A 34 9.19 16.42 14.76
N TYR A 35 8.68 15.29 15.25
CA TYR A 35 8.07 14.31 14.34
C TYR A 35 6.62 14.06 14.72
N PRO A 36 5.75 13.93 13.71
CA PRO A 36 4.36 13.54 13.95
C PRO A 36 4.27 12.09 14.40
N LEU A 37 3.33 11.79 15.28
CA LEU A 37 3.20 10.43 15.81
C LEU A 37 2.00 9.72 15.20
N ILE A 38 2.23 8.50 14.72
CA ILE A 38 1.16 7.67 14.17
C ILE A 38 1.04 6.36 14.95
N VAL A 39 -0.11 6.14 15.56
CA VAL A 39 -0.34 4.93 16.35
C VAL A 39 -1.14 3.90 15.57
N VAL A 40 -0.65 2.66 15.56
CA VAL A 40 -1.33 1.57 14.86
C VAL A 40 -1.81 0.50 15.85
N LEU A 41 -3.13 0.36 15.99
CA LEU A 41 -3.71 -0.56 16.96
C LEU A 41 -3.67 -2.02 16.52
N ASN A 42 -3.72 -2.22 15.22
CA ASN A 42 -3.83 -3.53 14.57
C ASN A 42 -2.48 -4.16 14.20
N ALA A 43 -1.40 -3.56 14.69
CA ALA A 43 -0.06 -3.65 14.10
C ALA A 43 0.46 -5.05 13.75
N GLU A 44 -0.08 -6.11 14.35
CA GLU A 44 0.29 -7.46 13.93
C GLU A 44 0.12 -7.64 12.41
N THR A 45 -0.78 -6.86 11.82
CA THR A 45 -0.98 -6.83 10.38
C THR A 45 -0.56 -5.48 9.80
N LEU A 46 -1.23 -4.42 10.22
CA LEU A 46 -1.09 -3.09 9.62
C LEU A 46 0.26 -2.36 9.81
N MSE A 47 1.11 -2.83 10.73
CA MSE A 47 2.33 -2.09 11.07
C MSE A 47 3.29 -1.92 9.89
O MSE A 47 3.67 -0.80 9.54
CB MSE A 47 3.08 -2.78 12.22
CG MSE A 47 4.31 -2.03 12.70
SE MSE A 47 3.88 -0.29 13.49
CE MSE A 47 5.68 0.21 14.09
N GLU A 48 3.70 -3.03 9.28
CA GLU A 48 4.65 -2.99 8.18
C GLU A 48 4.15 -2.20 6.96
N PRO A 49 2.87 -2.39 6.55
CA PRO A 49 2.41 -1.55 5.43
C PRO A 49 2.43 -0.05 5.75
N VAL A 50 2.03 0.32 6.96
CA VAL A 50 2.01 1.73 7.35
C VAL A 50 3.42 2.32 7.34
N VAL A 51 4.37 1.60 7.94
CA VAL A 51 5.75 2.06 8.01
C VAL A 51 6.38 2.16 6.62
N SER A 52 6.11 1.17 5.78
CA SER A 52 6.67 1.16 4.44
C SER A 52 6.12 2.31 3.59
N MSE A 53 4.86 2.66 3.80
CA MSE A 53 4.23 3.71 3.01
C MSE A 53 4.61 5.13 3.47
O MSE A 53 4.66 6.05 2.65
CB MSE A 53 2.71 3.54 3.01
CG MSE A 53 2.26 2.29 2.26
SE MSE A 53 0.34 2.20 1.93
CE MSE A 53 0.04 0.33 2.43
N VAL A 54 4.86 5.32 4.77
CA VAL A 54 5.31 6.63 5.22
C VAL A 54 6.77 6.84 4.82
N ARG A 55 7.52 5.75 4.72
CA ARG A 55 8.87 5.80 4.17
C ARG A 55 8.81 6.18 2.70
N TYR A 56 7.93 5.49 1.98
CA TYR A 56 7.68 5.73 0.56
C TYR A 56 7.35 7.20 0.29
N TYR A 57 6.37 7.72 1.01
CA TYR A 57 5.93 9.10 0.83
C TYR A 57 7.01 10.10 1.22
N GLU A 58 7.81 9.76 2.22
CA GLU A 58 8.87 10.66 2.67
C GLU A 58 9.97 10.78 1.61
N GLN A 59 10.25 9.67 0.93
CA GLN A 59 11.28 9.66 -0.10
C GLN A 59 10.90 10.54 -1.29
N PHE A 60 9.60 10.66 -1.55
CA PHE A 60 9.10 11.49 -2.64
C PHE A 60 8.81 12.91 -2.17
N GLY A 61 9.10 13.18 -0.90
CA GLY A 61 8.92 14.51 -0.35
C GLY A 61 7.47 14.90 -0.13
N GLU A 62 6.59 13.91 -0.09
CA GLU A 62 5.17 14.17 0.11
C GLU A 62 4.78 14.04 1.58
N MSE A 63 5.74 13.64 2.41
CA MSE A 63 5.52 13.54 3.85
C MSE A 63 6.77 13.91 4.63
O MSE A 63 7.89 13.67 4.16
CB MSE A 63 5.10 12.12 4.24
CG MSE A 63 3.60 11.84 4.12
SE MSE A 63 3.13 10.11 4.90
CE MSE A 63 3.66 10.44 6.74
N PRO A 64 6.60 14.50 5.81
CA PRO A 64 7.70 14.70 6.75
C PRO A 64 8.10 13.38 7.40
N LYS A 65 9.29 13.33 7.99
CA LYS A 65 9.69 12.15 8.75
C LYS A 65 8.75 11.95 9.93
N CYS A 66 8.30 10.72 10.13
CA CYS A 66 7.34 10.42 11.18
C CYS A 66 7.78 9.27 12.05
N ILE A 67 7.34 9.29 13.31
CA ILE A 67 7.55 8.18 14.23
C ILE A 67 6.28 7.36 14.34
N VAL A 68 6.38 6.06 14.09
CA VAL A 68 5.22 5.19 14.12
C VAL A 68 5.32 4.16 15.24
N VAL A 69 4.31 4.13 16.09
CA VAL A 69 4.22 3.18 17.18
C VAL A 69 2.99 2.31 16.96
N GLY A 70 3.05 1.06 17.39
CA GLY A 70 1.87 0.22 17.30
C GLY A 70 1.81 -0.87 18.35
N VAL A 71 0.58 -1.31 18.62
CA VAL A 71 0.36 -2.36 19.62
C VAL A 71 -0.01 -3.65 18.92
N TYR A 72 0.60 -4.75 19.35
CA TYR A 72 0.44 -6.02 18.67
C TYR A 72 -0.58 -6.92 19.35
N GLU A 73 -1.57 -7.35 18.56
CA GLU A 73 -2.58 -8.31 18.99
C GLU A 73 -3.26 -7.96 20.32
N PRO A 74 -4.10 -6.91 20.30
CA PRO A 74 -4.91 -6.63 21.49
C PRO A 74 -6.00 -7.69 21.64
N LYS A 75 -6.48 -7.89 22.87
CA LYS A 75 -7.51 -8.90 23.10
C LYS A 75 -8.83 -8.49 22.45
N GLN A 76 -9.68 -9.48 22.20
CA GLN A 76 -10.98 -9.24 21.57
C GLN A 76 -11.80 -8.21 22.35
N GLU A 77 -11.86 -8.38 23.66
CA GLU A 77 -12.67 -7.51 24.51
C GLU A 77 -12.09 -6.10 24.63
N ASP A 78 -10.81 -5.96 24.32
CA ASP A 78 -10.13 -4.67 24.41
C ASP A 78 -10.59 -3.69 23.33
N VAL A 79 -10.72 -4.19 22.11
CA VAL A 79 -11.06 -3.35 20.97
C VAL A 79 -12.55 -3.35 20.63
N THR A 80 -13.34 -4.12 21.36
CA THR A 80 -14.74 -4.31 20.99
C THR A 80 -15.71 -3.45 21.80
N VAL A 81 -16.47 -2.62 21.09
CA VAL A 81 -17.52 -1.83 21.70
C VAL A 81 -18.85 -2.57 21.56
N VAL A 82 -19.45 -2.95 22.69
CA VAL A 82 -20.67 -3.74 22.70
C VAL A 82 -21.90 -2.95 22.24
N GLU A 83 -22.90 -3.65 21.75
CA GLU A 83 -24.12 -3.03 21.23
C GLU A 83 -24.98 -2.43 22.34
N GLU A 84 -25.05 -3.13 23.47
CA GLU A 84 -25.90 -2.74 24.58
C GLU A 84 -25.56 -1.35 25.14
N VAL A 85 -24.30 -0.96 25.00
CA VAL A 85 -23.84 0.33 25.51
C VAL A 85 -23.64 1.35 24.40
N GLY A 86 -22.64 1.10 23.55
CA GLY A 86 -22.29 2.02 22.48
C GLY A 86 -21.11 2.88 22.85
N ARG A 87 -20.46 2.55 23.96
CA ARG A 87 -19.28 3.26 24.43
C ARG A 87 -18.30 2.26 25.05
N PRO A 88 -17.00 2.60 25.05
CA PRO A 88 -16.01 1.74 25.71
C PRO A 88 -16.27 1.58 27.20
N ILE A 89 -16.27 0.34 27.68
CA ILE A 89 -16.49 0.04 29.10
C ILE A 89 -15.58 -1.11 29.52
N ASN A 90 -15.05 -1.04 30.74
CA ASN A 90 -14.16 -2.05 31.29
C ASN A 90 -12.94 -2.27 30.43
N GLU A 91 -12.76 -3.49 29.93
CA GLU A 91 -11.59 -3.85 29.13
C GLU A 91 -11.43 -2.96 27.90
N SER A 92 -12.56 -2.57 27.29
CA SER A 92 -12.53 -1.71 26.12
C SER A 92 -12.20 -0.26 26.51
N ALA A 93 -12.60 0.12 27.71
CA ALA A 93 -12.32 1.47 28.21
C ALA A 93 -10.88 1.60 28.68
N ARG A 94 -10.36 0.54 29.30
CA ARG A 94 -9.00 0.55 29.80
C ARG A 94 -8.00 0.62 28.64
N PHE A 95 -8.24 -0.18 27.60
CA PHE A 95 -7.38 -0.17 26.43
C PHE A 95 -7.47 1.17 25.70
N PHE A 96 -8.68 1.72 25.65
CA PHE A 96 -8.92 3.01 25.01
C PHE A 96 -8.11 4.11 25.68
N GLU A 97 -8.04 4.05 27.00
CA GLU A 97 -7.29 5.05 27.76
C GLU A 97 -5.82 4.64 27.91
N PHE A 98 -5.52 3.40 27.54
CA PHE A 98 -4.15 2.91 27.59
C PHE A 98 -3.27 3.63 26.58
N VAL A 99 -3.71 3.67 25.33
CA VAL A 99 -2.92 4.30 24.28
C VAL A 99 -2.93 5.82 24.47
N SER A 100 -4.05 6.34 24.97
CA SER A 100 -4.21 7.78 25.13
C SER A 100 -3.43 8.35 26.32
N ALA A 101 -3.60 7.74 27.49
CA ALA A 101 -3.02 8.30 28.71
C ALA A 101 -1.67 7.68 29.11
N GLU A 102 -1.22 6.67 28.38
CA GLU A 102 0.02 5.99 28.74
C GLU A 102 0.99 5.88 27.57
N LEU A 103 0.59 5.14 26.54
CA LEU A 103 1.43 4.89 25.38
C LEU A 103 1.92 6.17 24.71
N VAL A 104 1.00 7.04 24.33
CA VAL A 104 1.37 8.29 23.65
C VAL A 104 2.26 9.19 24.51
N PRO A 105 1.92 9.42 25.79
CA PRO A 105 2.85 10.21 26.60
C PRO A 105 4.22 9.56 26.76
N TYR A 106 4.27 8.23 26.76
CA TYR A 106 5.53 7.50 26.88
C TYR A 106 6.43 7.79 25.69
N ILE A 107 5.84 7.84 24.50
CA ILE A 107 6.57 8.15 23.28
C ILE A 107 7.00 9.61 23.27
N GLN A 108 6.13 10.48 23.77
CA GLN A 108 6.44 11.90 23.86
C GLN A 108 7.62 12.17 24.79
N GLY A 109 7.88 11.24 25.70
CA GLY A 109 8.99 11.37 26.62
C GLY A 109 10.30 10.87 26.01
N LYS A 110 10.19 9.92 25.09
CA LYS A 110 11.36 9.38 24.40
C LYS A 110 11.82 10.28 23.25
N TYR A 111 10.85 10.90 22.56
CA TYR A 111 11.15 11.64 21.34
C TYR A 111 10.42 12.99 21.30
N PRO A 112 10.95 13.93 20.50
CA PRO A 112 10.29 15.21 20.26
C PRO A 112 9.11 15.07 19.31
N ILE A 113 7.96 14.69 19.86
CA ILE A 113 6.75 14.51 19.07
C ILE A 113 6.07 15.83 18.73
N ALA A 114 5.69 16.00 17.46
CA ALA A 114 5.02 17.21 17.01
C ALA A 114 3.57 17.24 17.48
N ASP A 115 2.87 18.31 17.13
CA ASP A 115 1.48 18.49 17.58
C ASP A 115 0.53 17.54 16.87
N LEU A 116 0.90 17.10 15.67
CA LEU A 116 0.06 16.19 14.92
C LEU A 116 0.24 14.75 15.40
N LYS A 117 -0.86 14.15 15.84
CA LYS A 117 -0.86 12.76 16.25
C LYS A 117 -2.05 12.06 15.62
N GLY A 118 -1.87 10.79 15.27
CA GLY A 118 -2.91 10.07 14.55
C GLY A 118 -2.96 8.60 14.89
N VAL A 119 -4.07 7.97 14.54
CA VAL A 119 -4.28 6.56 14.86
C VAL A 119 -4.83 5.79 13.66
N ILE A 120 -4.21 4.65 13.37
CA ILE A 120 -4.70 3.75 12.31
C ILE A 120 -5.19 2.47 12.95
N ALA A 121 -6.41 2.06 12.59
CA ALA A 121 -6.98 0.83 13.13
C ALA A 121 -7.96 0.19 12.16
N SER A 122 -8.17 -1.11 12.32
CA SER A 122 -9.11 -1.84 11.48
C SER A 122 -10.04 -2.75 12.30
N GLU A 123 -11.12 -3.19 11.66
CA GLU A 123 -12.12 -4.06 12.29
C GLU A 123 -12.71 -3.40 13.54
N GLU A 124 -12.73 -4.15 14.65
CA GLU A 124 -13.29 -3.64 15.89
C GLU A 124 -12.51 -2.43 16.40
N ALA A 125 -11.18 -2.52 16.34
CA ALA A 125 -10.32 -1.43 16.76
C ALA A 125 -10.55 -0.19 15.90
N GLY A 126 -10.89 -0.41 14.64
CA GLY A 126 -11.16 0.68 13.72
C GLY A 126 -12.36 1.50 14.15
N PHE A 127 -13.36 0.82 14.71
CA PHE A 127 -14.55 1.50 15.21
C PHE A 127 -14.27 2.14 16.57
N LEU A 128 -13.44 1.47 17.36
CA LEU A 128 -13.04 1.99 18.67
C LEU A 128 -12.30 3.31 18.53
N ALA A 129 -11.55 3.44 17.44
CA ALA A 129 -10.74 4.63 17.19
C ALA A 129 -11.60 5.88 16.99
N ASN A 130 -12.87 5.67 16.66
CA ASN A 130 -13.80 6.77 16.45
C ASN A 130 -14.10 7.53 17.74
N TYR A 131 -13.86 6.89 18.88
CA TYR A 131 -14.22 7.45 20.17
C TYR A 131 -13.16 8.41 20.72
N TYR A 132 -12.02 8.47 20.06
CA TYR A 132 -11.01 9.48 20.41
C TYR A 132 -11.48 10.84 19.93
N MSE A 133 -12.42 10.82 19.01
CA MSE A 133 -13.06 12.01 18.48
C MSE A 133 -13.98 12.64 19.52
O MSE A 133 -14.31 13.82 19.44
CB MSE A 133 -13.84 11.65 17.22
CG MSE A 133 -14.26 12.81 16.34
SE MSE A 133 -15.27 12.15 14.81
CE MSE A 133 -17.02 12.05 15.62
N LEU A 134 -14.39 11.83 20.49
CA LEU A 134 -15.35 12.26 21.51
C LEU A 134 -14.72 12.83 22.77
N ALA A 135 -13.39 12.75 22.88
CA ALA A 135 -12.71 13.23 24.08
C ALA A 135 -12.90 14.73 24.26
N GLU A 136 -13.41 15.14 25.42
CA GLU A 136 -13.73 16.53 25.68
C GLU A 136 -12.59 17.38 26.24
N LYS A 137 -11.53 16.72 26.71
CA LYS A 137 -10.42 17.44 27.31
C LYS A 137 -9.59 18.19 26.27
N LYS A 138 -9.14 17.46 25.27
CA LYS A 138 -8.34 17.96 24.17
C LYS A 138 -8.03 16.77 23.27
N PRO A 139 -8.10 16.96 21.94
CA PRO A 139 -7.88 15.81 21.07
C PRO A 139 -6.48 15.21 21.22
N THR A 140 -6.43 13.90 21.44
CA THR A 140 -5.17 13.19 21.49
C THR A 140 -4.70 12.92 20.07
N PHE A 141 -5.65 12.54 19.22
CA PHE A 141 -5.36 12.28 17.82
C PHE A 141 -6.08 13.27 16.92
N ASN A 142 -5.30 13.96 16.09
CA ASN A 142 -5.86 14.89 15.11
C ASN A 142 -6.14 14.19 13.80
N MSE A 143 -5.69 12.95 13.71
CA MSE A 143 -5.89 12.14 12.52
C MSE A 143 -6.49 10.80 12.90
O MSE A 143 -5.94 10.07 13.72
CB MSE A 143 -4.57 11.93 11.78
CG MSE A 143 -4.70 11.18 10.46
SE MSE A 143 -2.97 10.66 9.70
CE MSE A 143 -2.48 9.28 10.99
N ILE A 144 -7.64 10.48 12.32
CA ILE A 144 -8.29 9.19 12.60
C ILE A 144 -8.60 8.45 11.31
N VAL A 145 -8.03 7.26 11.17
CA VAL A 145 -8.26 6.43 9.99
C VAL A 145 -8.92 5.12 10.38
N SER A 146 -10.17 4.95 9.96
CA SER A 146 -10.93 3.75 10.28
C SER A 146 -11.07 2.85 9.05
N LEU A 147 -10.42 1.70 9.09
CA LEU A 147 -10.37 0.80 7.94
C LEU A 147 -11.22 -0.44 8.18
N ASN A 148 -12.24 -0.64 7.34
CA ASN A 148 -13.16 -1.78 7.49
C ASN A 148 -13.63 -1.94 8.93
N PRO A 149 -14.30 -0.92 9.48
CA PRO A 149 -14.70 -1.02 10.88
C PRO A 149 -15.89 -1.96 11.08
N VAL A 150 -15.95 -2.61 12.24
CA VAL A 150 -17.15 -3.31 12.63
C VAL A 150 -17.96 -2.32 13.46
N ALA A 151 -19.08 -1.88 12.90
CA ALA A 151 -19.72 -0.66 13.40
C ALA A 151 -21.10 -0.90 14.00
N LEU A 152 -21.47 -0.02 14.94
CA LEU A 152 -22.82 0.01 15.46
C LEU A 152 -23.54 1.21 14.88
N PRO A 153 -24.47 0.96 13.96
CA PRO A 153 -25.19 2.02 13.23
C PRO A 153 -25.98 2.97 14.14
N ARG A 154 -26.25 2.52 15.37
CA ARG A 154 -27.01 3.32 16.32
C ARG A 154 -26.23 4.54 16.78
N MSE A 155 -24.91 4.45 16.78
CA MSE A 155 -24.05 5.52 17.27
C MSE A 155 -23.78 6.58 16.22
O MSE A 155 -23.10 7.58 16.50
CB MSE A 155 -22.73 4.95 17.78
CG MSE A 155 -22.53 5.08 19.28
SE MSE A 155 -24.05 4.40 20.28
CE MSE A 155 -24.16 2.61 19.49
N GLY A 156 -24.30 6.38 15.01
CA GLY A 156 -24.05 7.27 13.90
C GLY A 156 -24.39 8.73 14.16
N GLU A 157 -25.53 8.97 14.80
CA GLU A 157 -25.98 10.33 15.05
C GLU A 157 -25.10 11.04 16.08
N GLU A 158 -24.64 10.30 17.08
CA GLU A 158 -23.83 10.87 18.15
C GLU A 158 -22.50 11.39 17.62
N PHE A 159 -21.90 10.64 16.69
CA PHE A 159 -20.66 11.07 16.06
C PHE A 159 -20.92 12.23 15.10
N SER A 160 -22.12 12.26 14.54
CA SER A 160 -22.50 13.32 13.62
C SER A 160 -22.55 14.68 14.31
N HIS A 161 -22.88 14.67 15.60
CA HIS A 161 -22.92 15.90 16.38
C HIS A 161 -21.51 16.42 16.65
N ALA A 162 -20.59 15.51 16.92
CA ALA A 162 -19.21 15.87 17.20
C ALA A 162 -18.52 16.42 15.96
N LEU A 163 -18.89 15.89 14.80
CA LEU A 163 -18.37 16.37 13.53
C LEU A 163 -18.89 17.77 13.21
N ALA A 164 -20.12 18.04 13.61
CA ALA A 164 -20.73 19.35 13.39
C ALA A 164 -20.18 20.37 14.39
N ALA A 165 -19.91 19.90 15.61
CA ALA A 165 -19.36 20.77 16.65
C ALA A 165 -17.97 21.26 16.25
N GLY A 166 -17.12 20.34 15.83
CA GLY A 166 -15.80 20.69 15.36
C GLY A 166 -14.69 20.43 16.35
N VAL A 167 -13.50 20.90 16.02
CA VAL A 167 -12.31 20.66 16.82
C VAL A 167 -11.50 21.96 16.91
N PRO A 168 -10.73 22.14 18.00
CA PRO A 168 -9.95 23.37 18.19
C PRO A 168 -9.05 23.75 17.02
N ASN A 169 -8.31 22.79 16.45
CA ASN A 169 -7.43 23.09 15.33
C ASN A 169 -7.85 22.41 14.03
N ARG A 170 -7.58 21.11 13.94
CA ARG A 170 -7.98 20.34 12.76
C ARG A 170 -8.21 18.88 13.10
N LEU A 171 -9.15 18.26 12.38
CA LEU A 171 -9.37 16.83 12.49
C LEU A 171 -9.48 16.23 11.10
N PHE A 172 -8.60 15.27 10.81
CA PHE A 172 -8.67 14.54 9.56
C PHE A 172 -9.27 13.15 9.82
N TYR A 173 -10.44 12.90 9.24
CA TYR A 173 -11.10 11.62 9.42
C TYR A 173 -11.24 10.85 8.11
N TYR A 174 -10.81 9.60 8.13
CA TYR A 174 -10.90 8.73 6.96
C TYR A 174 -11.52 7.38 7.32
N MSE A 175 -12.61 7.04 6.63
CA MSE A 175 -13.21 5.73 6.79
C MSE A 175 -13.34 5.02 5.45
O MSE A 175 -13.82 5.59 4.47
CB MSE A 175 -14.58 5.82 7.45
CG MSE A 175 -15.39 4.54 7.36
SE MSE A 175 -17.11 4.58 8.28
CE MSE A 175 -16.47 4.47 10.11
N ALA A 176 -12.92 3.76 5.41
CA ALA A 176 -13.04 2.94 4.21
C ALA A 176 -13.69 1.61 4.52
N THR A 177 -14.37 1.04 3.53
CA THR A 177 -14.99 -0.26 3.66
C THR A 177 -15.12 -0.96 2.31
N ALA A 178 -15.26 -2.29 2.33
CA ALA A 178 -15.38 -3.08 1.12
C ALA A 178 -16.50 -4.09 1.25
N ASP A 179 -17.21 -4.36 0.16
CA ASP A 179 -18.37 -5.25 0.22
C ASP A 179 -18.12 -6.73 -0.10
N VAL A 180 -16.94 -7.09 -0.60
CA VAL A 180 -16.76 -8.46 -1.08
C VAL A 180 -16.48 -9.43 0.06
N GLU A 181 -17.41 -10.37 0.23
CA GLU A 181 -17.44 -11.34 1.33
C GLU A 181 -17.45 -10.64 2.68
N ASN A 182 -17.81 -9.36 2.67
CA ASN A 182 -18.02 -8.56 3.88
C ASN A 182 -19.49 -8.36 4.25
N LYS A 183 -20.39 -8.97 3.49
CA LYS A 183 -21.77 -8.49 3.33
C LYS A 183 -22.48 -8.07 4.62
N VAL A 184 -22.31 -8.83 5.70
CA VAL A 184 -22.94 -8.47 6.97
C VAL A 184 -22.31 -7.22 7.57
N VAL A 185 -20.97 -7.17 7.58
CA VAL A 185 -20.25 -6.04 8.15
C VAL A 185 -20.36 -4.79 7.28
N TYR A 186 -20.24 -4.98 5.97
CA TYR A 186 -20.32 -3.87 5.01
C TYR A 186 -21.61 -3.08 5.16
N ASP A 187 -22.74 -3.79 5.29
CA ASP A 187 -24.03 -3.14 5.42
C ASP A 187 -24.13 -2.27 6.67
N LYS A 188 -23.62 -2.77 7.78
CA LYS A 188 -23.63 -2.02 9.02
C LYS A 188 -22.73 -0.78 8.91
N ALA A 189 -21.65 -0.91 8.16
CA ALA A 189 -20.73 0.20 7.95
C ALA A 189 -21.39 1.32 7.16
N ILE A 190 -22.10 0.95 6.10
CA ILE A 190 -22.80 1.92 5.26
C ILE A 190 -23.89 2.64 6.03
N GLN A 191 -24.64 1.89 6.82
CA GLN A 191 -25.71 2.47 7.64
C GLN A 191 -25.16 3.44 8.68
N PHE A 192 -24.04 3.05 9.31
CA PHE A 192 -23.39 3.89 10.31
C PHE A 192 -22.89 5.19 9.69
N GLU A 193 -22.31 5.09 8.51
CA GLU A 193 -21.75 6.25 7.83
C GLU A 193 -22.83 7.24 7.41
N ARG A 194 -23.98 6.73 6.96
CA ARG A 194 -25.07 7.57 6.52
C ARG A 194 -25.62 8.40 7.69
N ALA A 195 -25.66 7.78 8.87
CA ALA A 195 -26.12 8.46 10.07
C ALA A 195 -25.10 9.48 10.55
N MSE A 196 -23.83 9.19 10.29
CA MSE A 196 -22.73 10.05 10.69
C MSE A 196 -22.61 11.26 9.77
O MSE A 196 -22.19 12.33 10.20
CB MSE A 196 -21.42 9.26 10.71
CG MSE A 196 -20.26 9.94 11.38
SE MSE A 196 -18.63 8.87 11.27
CE MSE A 196 -17.48 9.91 12.46
N ARG A 197 -22.98 11.07 8.51
CA ARG A 197 -22.82 12.08 7.47
C ARG A 197 -24.04 13.01 7.38
N SER A 198 -25.08 12.69 8.15
CA SER A 198 -26.36 13.41 8.08
C SER A 198 -26.22 14.91 8.29
N ALA A 199 -25.54 15.30 9.36
CA ALA A 199 -25.34 16.72 9.67
C ALA A 199 -24.15 17.29 8.91
N PRO A 200 -24.20 18.59 8.60
CA PRO A 200 -23.08 19.26 7.92
C PRO A 200 -21.81 19.25 8.76
N VAL A 201 -20.66 19.17 8.10
CA VAL A 201 -19.39 19.04 8.78
C VAL A 201 -18.76 20.42 9.07
N HIS A 202 -18.17 20.56 10.26
CA HIS A 202 -17.53 21.80 10.66
C HIS A 202 -16.28 22.08 9.81
N GLU A 203 -15.91 23.35 9.73
CA GLU A 203 -14.78 23.77 8.89
C GLU A 203 -13.46 23.19 9.36
N SER A 204 -13.36 22.91 10.65
CA SER A 204 -12.12 22.41 11.24
C SER A 204 -11.92 20.93 10.97
N VAL A 205 -12.95 20.28 10.42
CA VAL A 205 -12.90 18.85 10.16
C VAL A 205 -12.85 18.54 8.67
N GLU A 206 -11.86 17.75 8.28
CA GLU A 206 -11.78 17.25 6.91
C GLU A 206 -12.24 15.80 6.88
N TYR A 207 -13.40 15.57 6.26
CA TYR A 207 -14.05 14.27 6.31
C TYR A 207 -13.95 13.52 4.99
N HIS A 208 -13.51 12.26 5.06
CA HIS A 208 -13.41 11.42 3.88
C HIS A 208 -13.98 10.02 4.14
N PHE A 209 -14.95 9.63 3.33
CA PHE A 209 -15.45 8.26 3.35
C PHE A 209 -15.32 7.63 1.96
N VAL A 210 -14.50 6.60 1.86
CA VAL A 210 -14.28 5.93 0.59
C VAL A 210 -14.90 4.53 0.61
N ASP A 211 -15.87 4.32 -0.26
CA ASP A 211 -16.52 3.03 -0.39
C ASP A 211 -15.89 2.22 -1.52
N PHE A 212 -15.24 1.13 -1.18
CA PHE A 212 -14.65 0.26 -2.19
C PHE A 212 -15.66 -0.81 -2.58
N LYS A 213 -16.17 -0.72 -3.80
CA LYS A 213 -17.18 -1.65 -4.27
C LYS A 213 -16.55 -2.64 -5.23
N GLY A 214 -16.88 -3.92 -5.05
CA GLY A 214 -16.31 -4.98 -5.87
C GLY A 214 -14.87 -5.26 -5.48
N SER A 215 -14.49 -4.79 -4.30
CA SER A 215 -13.12 -4.97 -3.80
C SER A 215 -13.08 -5.88 -2.59
N SER A 216 -12.05 -6.71 -2.51
CA SER A 216 -11.82 -7.53 -1.33
C SER A 216 -11.45 -6.64 -0.16
N VAL A 217 -11.73 -7.10 1.06
CA VAL A 217 -11.54 -6.30 2.25
C VAL A 217 -10.08 -5.94 2.49
N ASN A 218 -9.22 -6.95 2.54
CA ASN A 218 -7.81 -6.75 2.85
C ASN A 218 -7.10 -5.86 1.83
N ALA A 219 -7.49 -5.99 0.57
CA ALA A 219 -6.92 -5.16 -0.49
C ALA A 219 -7.40 -3.72 -0.33
N ALA A 220 -8.62 -3.55 0.15
CA ALA A 220 -9.20 -2.21 0.33
C ALA A 220 -8.49 -1.47 1.45
N LYS A 221 -8.17 -2.20 2.53
CA LYS A 221 -7.51 -1.58 3.68
C LYS A 221 -6.14 -1.03 3.32
N LEU A 222 -5.42 -1.73 2.46
CA LEU A 222 -4.12 -1.26 1.98
C LEU A 222 -4.27 0.05 1.21
N GLN A 223 -5.26 0.09 0.33
CA GLN A 223 -5.53 1.27 -0.47
C GLN A 223 -6.03 2.40 0.43
N GLY A 224 -6.72 2.03 1.52
CA GLY A 224 -7.21 3.00 2.48
C GLY A 224 -6.07 3.75 3.15
N ILE A 225 -5.05 3.02 3.57
CA ILE A 225 -3.87 3.62 4.18
C ILE A 225 -3.18 4.57 3.19
N ALA A 226 -3.00 4.12 1.96
CA ALA A 226 -2.34 4.90 0.94
C ALA A 226 -3.06 6.23 0.70
N GLN A 227 -4.39 6.17 0.63
CA GLN A 227 -5.19 7.36 0.39
C GLN A 227 -5.24 8.28 1.62
N ALA A 228 -5.33 7.69 2.79
CA ALA A 228 -5.40 8.45 4.04
C ALA A 228 -4.15 9.28 4.23
N LEU A 229 -2.98 8.65 4.10
CA LEU A 229 -1.70 9.33 4.23
C LEU A 229 -1.53 10.40 3.16
N ASP A 230 -1.98 10.08 1.94
CA ASP A 230 -1.83 10.99 0.81
C ASP A 230 -2.58 12.30 1.03
N MSE A 231 -3.84 12.19 1.47
CA MSE A 231 -4.71 13.35 1.61
C MSE A 231 -4.44 14.16 2.88
O MSE A 231 -4.53 15.38 2.87
CB MSE A 231 -6.17 12.93 1.55
CG MSE A 231 -6.59 12.43 0.18
SE MSE A 231 -8.45 11.87 0.11
CE MSE A 231 -8.38 10.49 1.46
N CYS A 232 -4.14 13.47 3.97
CA CYS A 232 -3.88 14.14 5.24
C CYS A 232 -2.63 15.02 5.19
N PHE A 233 -1.58 14.50 4.55
CA PHE A 233 -0.31 15.19 4.45
C PHE A 233 -0.16 15.99 3.16
N ASP A 234 -1.23 16.04 2.37
CA ASP A 234 -1.19 16.64 1.03
C ASP A 234 -0.57 18.03 0.97
N ILE A 235 -0.77 18.84 2.01
CA ILE A 235 -0.27 20.21 2.04
C ILE A 235 1.26 20.25 2.03
N TYR A 236 1.88 19.15 2.42
CA TYR A 236 3.34 19.06 2.49
C TYR A 236 3.96 18.93 1.10
N LYS A 237 3.16 18.48 0.13
CA LYS A 237 3.63 18.23 -1.22
C LYS A 237 4.25 19.47 -1.87
N PRO A 238 5.26 19.25 -2.72
CA PRO A 238 5.87 20.33 -3.51
C PRO A 238 4.86 20.99 -4.43
N ILE A 239 5.10 22.24 -4.80
CA ILE A 239 4.22 22.95 -5.72
C ILE A 239 4.46 22.44 -7.15
N GLY A 240 3.41 21.95 -7.78
CA GLY A 240 3.52 21.39 -9.11
C GLY A 240 3.40 22.42 -10.22
N GLY A 241 3.68 22.00 -11.44
CA GLY A 241 3.59 22.89 -12.59
C GLY A 241 2.18 23.38 -12.84
N LYS A 242 1.22 22.48 -12.71
CA LYS A 242 -0.19 22.82 -12.87
C LYS A 242 -0.62 23.82 -11.80
N GLU A 243 -0.27 23.53 -10.55
CA GLU A 243 -0.58 24.40 -9.42
C GLU A 243 0.07 25.77 -9.60
N PHE A 244 1.27 25.78 -10.17
CA PHE A 244 2.00 27.01 -10.43
C PHE A 244 1.31 27.87 -11.48
N LYS A 245 0.95 27.26 -12.60
CA LYS A 245 0.31 27.97 -13.71
C LYS A 245 -1.10 28.42 -13.35
N THR A 246 -1.68 27.80 -12.34
CA THR A 246 -3.06 28.08 -11.94
C THR A 246 -3.14 29.03 -10.74
N GLN A 247 -2.64 28.56 -9.60
CA GLN A 247 -2.80 29.28 -8.34
C GLN A 247 -1.81 30.43 -8.15
N MSE A 248 -0.71 30.42 -8.90
CA MSE A 248 0.37 31.40 -8.69
C MSE A 248 0.51 32.38 -9.84
O MSE A 248 0.34 33.58 -9.66
CB MSE A 248 1.69 30.68 -8.45
CG MSE A 248 1.68 29.74 -7.26
SE MSE A 248 3.48 29.34 -6.62
CE MSE A 248 3.92 31.09 -5.86
N GLU A 249 0.83 31.87 -11.02
CA GLU A 249 1.11 32.70 -12.19
C GLU A 249 -0.10 33.54 -12.62
N THR A 250 -1.28 33.21 -12.10
CA THR A 250 -2.48 33.97 -12.40
C THR A 250 -2.74 35.08 -11.39
N LEU A 251 -1.85 35.21 -10.42
CA LEU A 251 -1.98 36.25 -9.39
C LEU A 251 -1.22 37.51 -9.79
N GLU A 252 -1.92 38.65 -9.75
CA GLU A 252 -1.28 39.93 -9.99
C GLU A 252 -0.52 40.43 -8.77
N THR A 253 -1.09 40.18 -7.59
CA THR A 253 -0.46 40.57 -6.33
C THR A 253 -0.60 39.48 -5.28
N GLY A 254 0.17 39.61 -4.20
CA GLY A 254 0.09 38.67 -3.09
C GLY A 254 0.67 37.30 -3.40
N ILE A 255 1.65 37.27 -4.30
CA ILE A 255 2.27 36.03 -4.72
C ILE A 255 3.11 35.42 -3.58
N TYR A 256 3.80 36.28 -2.83
CA TYR A 256 4.56 35.82 -1.68
C TYR A 256 3.63 35.20 -0.63
N GLU A 257 2.48 35.82 -0.43
CA GLU A 257 1.51 35.35 0.56
C GLU A 257 1.06 33.92 0.27
N TYR A 258 1.05 33.53 -1.00
CA TYR A 258 0.67 32.18 -1.38
C TYR A 258 1.68 31.18 -0.86
N LEU A 259 2.96 31.49 -1.04
CA LEU A 259 4.03 30.64 -0.54
C LEU A 259 4.02 30.58 0.98
N GLU A 260 3.84 31.74 1.60
CA GLU A 260 3.85 31.83 3.06
C GLU A 260 2.69 31.07 3.68
N ASN A 261 1.51 31.25 3.11
CA ASN A 261 0.31 30.59 3.62
C ASN A 261 0.43 29.06 3.54
N LYS A 262 1.10 28.57 2.50
CA LYS A 262 1.29 27.14 2.34
C LYS A 262 2.08 26.55 3.49
N TYR A 263 3.22 27.17 3.80
CA TYR A 263 4.10 26.66 4.84
C TYR A 263 3.59 26.96 6.23
N ASN A 264 2.75 27.98 6.36
CA ASN A 264 2.05 28.23 7.62
C ASN A 264 1.03 27.12 7.85
N THR A 265 0.34 26.73 6.79
CA THR A 265 -0.63 25.66 6.86
C THR A 265 0.04 24.33 7.18
N ILE A 266 1.23 24.13 6.62
CA ILE A 266 2.02 22.94 6.91
C ILE A 266 2.34 22.85 8.40
N TYR A 267 2.72 23.98 8.99
CA TYR A 267 3.02 24.01 10.42
C TYR A 267 1.76 23.86 11.26
N LYS A 268 0.66 24.44 10.82
CA LYS A 268 -0.58 24.38 11.57
C LYS A 268 -1.14 22.97 11.58
N GLN A 269 -1.27 22.38 10.39
CA GLN A 269 -1.84 21.04 10.25
C GLN A 269 -0.89 19.93 10.71
N LEU A 270 0.34 19.95 10.21
CA LEU A 270 1.26 18.85 10.46
C LEU A 270 2.15 19.06 11.68
N GLY A 271 2.12 20.26 12.24
CA GLY A 271 2.90 20.57 13.42
C GLY A 271 4.40 20.57 13.22
N VAL A 272 4.84 20.65 11.96
CA VAL A 272 6.27 20.69 11.67
C VAL A 272 6.65 21.93 10.88
N LYS A 273 7.90 22.36 11.02
CA LYS A 273 8.40 23.51 10.28
C LYS A 273 9.20 23.01 9.09
N LYS A 274 8.67 23.20 7.89
CA LYS A 274 9.32 22.72 6.70
C LYS A 274 10.18 23.79 6.06
N VAL A 275 11.48 23.52 5.95
CA VAL A 275 12.37 24.40 5.20
C VAL A 275 11.89 24.46 3.77
N PRO A 276 11.60 25.66 3.26
CA PRO A 276 11.09 25.79 1.89
C PRO A 276 12.08 25.22 0.88
N ILE A 277 11.58 24.36 -0.01
CA ILE A 277 12.43 23.73 -1.00
C ILE A 277 12.70 24.71 -2.13
N LEU A 278 13.84 24.53 -2.81
CA LEU A 278 14.30 25.46 -3.83
C LEU A 278 13.28 25.64 -4.95
N ASN A 279 12.60 24.55 -5.31
CA ASN A 279 11.61 24.58 -6.37
C ASN A 279 10.42 25.48 -6.04
N ASP A 280 9.98 25.44 -4.79
CA ASP A 280 8.86 26.28 -4.35
C ASP A 280 9.28 27.75 -4.33
N VAL A 281 10.49 28.02 -3.87
CA VAL A 281 11.02 29.37 -3.84
C VAL A 281 11.16 29.93 -5.24
N MSE A 282 11.76 29.13 -6.13
CA MSE A 282 11.96 29.54 -7.51
C MSE A 282 10.63 29.73 -8.26
O MSE A 282 10.52 30.62 -9.11
CB MSE A 282 12.83 28.53 -8.26
CG MSE A 282 14.28 28.54 -7.81
SE MSE A 282 15.02 30.34 -7.80
CE MSE A 282 16.83 29.92 -7.21
N ALA A 283 9.65 28.91 -7.94
CA ALA A 283 8.32 29.06 -8.52
C ALA A 283 7.71 30.39 -8.07
N THR A 284 7.87 30.69 -6.79
CA THR A 284 7.38 31.95 -6.23
C THR A 284 8.09 33.13 -6.87
N TYR A 285 9.41 33.02 -6.98
CA TYR A 285 10.24 34.05 -7.60
C TYR A 285 9.88 34.26 -9.06
N THR A 286 9.61 33.16 -9.76
CA THR A 286 9.25 33.21 -11.18
C THR A 286 7.92 33.91 -11.39
N ALA A 287 6.93 33.56 -10.56
CA ALA A 287 5.62 34.18 -10.65
C ALA A 287 5.68 35.66 -10.31
N ILE A 288 6.54 36.00 -9.36
CA ILE A 288 6.76 37.38 -8.96
C ILE A 288 7.25 38.22 -10.15
N ASN A 289 8.20 37.67 -10.90
CA ASN A 289 8.75 38.37 -12.06
C ASN A 289 7.75 38.50 -13.20
N SER A 290 6.97 37.44 -13.42
CA SER A 290 6.00 37.42 -14.50
C SER A 290 4.90 38.45 -14.29
N SER A 291 4.49 38.62 -13.04
CA SER A 291 3.42 39.55 -12.69
C SER A 291 3.97 40.91 -12.28
N GLN A 292 5.29 41.03 -12.28
CA GLN A 292 5.98 42.25 -11.87
C GLN A 292 5.51 42.78 -10.51
N ASP A 293 5.21 41.88 -9.58
CA ASP A 293 4.85 42.35 -8.25
C ASP A 293 6.10 42.34 -7.38
N TRP A 294 6.61 43.52 -7.10
CA TRP A 294 7.87 43.66 -6.37
C TRP A 294 7.71 43.63 -4.87
N GLU A 295 6.50 43.91 -4.39
CA GLU A 295 6.26 43.93 -2.95
C GLU A 295 6.42 42.53 -2.39
N SER A 296 6.10 41.54 -3.20
CA SER A 296 6.28 40.14 -2.83
C SER A 296 7.77 39.78 -2.83
N LEU A 297 8.53 40.40 -3.71
CA LEU A 297 9.96 40.11 -3.84
C LEU A 297 10.72 40.51 -2.58
N LYS A 298 10.39 41.67 -2.02
CA LYS A 298 11.06 42.14 -0.82
C LYS A 298 10.75 41.24 0.37
N LYS A 299 9.49 40.82 0.47
CA LYS A 299 9.05 39.96 1.55
C LYS A 299 9.57 38.53 1.36
N LEU A 300 9.80 38.14 0.11
CA LEU A 300 10.36 36.83 -0.19
C LEU A 300 11.81 36.78 0.26
N ALA A 301 12.51 37.90 0.11
CA ALA A 301 13.91 38.00 0.51
C ALA A 301 14.07 37.84 2.02
N LYS A 302 13.16 38.46 2.77
CA LYS A 302 13.21 38.36 4.23
C LYS A 302 12.79 36.98 4.70
N TYR A 303 11.86 36.38 3.98
CA TYR A 303 11.33 35.06 4.33
C TYR A 303 12.38 33.97 4.19
N VAL A 304 13.09 33.97 3.06
CA VAL A 304 14.09 32.94 2.83
C VAL A 304 15.32 33.16 3.72
N GLU A 305 15.58 34.41 4.07
CA GLU A 305 16.68 34.71 4.99
C GLU A 305 16.37 34.15 6.37
N SER A 306 15.10 34.21 6.75
CA SER A 306 14.67 33.71 8.04
C SER A 306 14.58 32.18 8.05
N ASN A 307 14.19 31.57 6.93
CA ASN A 307 14.23 30.11 6.87
C ASN A 307 15.23 29.53 5.85
N GLY A 308 16.34 29.01 6.37
CA GLY A 308 17.21 28.07 5.68
C GLY A 308 18.19 28.61 4.66
N TYR A 309 17.92 29.80 4.12
CA TYR A 309 18.77 30.39 3.09
C TYR A 309 19.74 31.48 3.58
N LEU A 310 19.77 31.71 4.89
CA LEU A 310 20.61 32.76 5.48
C LEU A 310 22.08 32.70 5.04
N LYS A 311 22.58 31.49 4.82
CA LYS A 311 24.00 31.27 4.52
C LYS A 311 24.30 31.36 3.02
N THR A 312 23.29 31.76 2.25
CA THR A 312 23.43 31.87 0.80
C THR A 312 23.24 33.30 0.32
N ALA A 313 23.72 33.58 -0.89
CA ALA A 313 23.61 34.91 -1.49
C ALA A 313 22.20 35.27 -1.93
N MSE A 314 21.28 34.31 -1.86
CA MSE A 314 19.94 34.50 -2.39
C MSE A 314 19.11 35.61 -1.72
O MSE A 314 18.46 36.39 -2.42
CB MSE A 314 19.15 33.19 -2.33
CG MSE A 314 17.83 33.23 -3.06
SE MSE A 314 16.96 31.50 -3.17
CE MSE A 314 16.16 31.49 -1.42
N PRO A 315 19.10 35.69 -0.36
CA PRO A 315 18.28 36.75 0.24
C PRO A 315 18.67 38.16 -0.20
N ASN A 316 19.96 38.47 -0.21
CA ASN A 316 20.41 39.80 -0.62
C ASN A 316 20.24 40.01 -2.12
N PHE A 317 20.38 38.95 -2.89
CA PHE A 317 20.19 39.02 -4.33
C PHE A 317 18.75 39.43 -4.67
N PHE A 318 17.79 38.79 -4.00
CA PHE A 318 16.39 39.13 -4.18
C PHE A 318 16.12 40.57 -3.76
N LEU A 319 16.70 40.97 -2.63
CA LEU A 319 16.50 42.30 -2.10
C LEU A 319 17.13 43.35 -3.00
N ALA A 320 18.33 43.06 -3.50
CA ALA A 320 19.03 43.97 -4.40
C ALA A 320 18.24 44.19 -5.69
N GLU A 321 17.65 43.11 -6.21
CA GLU A 321 16.82 43.21 -7.40
C GLU A 321 15.60 44.07 -7.13
N TYR A 322 15.03 43.93 -5.92
CA TYR A 322 13.88 44.73 -5.53
C TYR A 322 14.19 46.22 -5.55
N TYR A 323 15.42 46.56 -5.19
CA TYR A 323 15.86 47.95 -5.19
C TYR A 323 16.02 48.49 -6.60
N GLU A 324 16.49 47.65 -7.52
CA GLU A 324 16.60 48.02 -8.92
C GLU A 324 15.23 48.28 -9.53
N LYS A 325 14.25 47.45 -9.16
CA LYS A 325 12.90 47.59 -9.67
C LYS A 325 12.20 48.82 -9.09
N ILE A 326 12.50 49.13 -7.83
CA ILE A 326 11.83 50.22 -7.13
C ILE A 326 12.45 51.57 -7.47
N GLY A 327 13.61 51.54 -8.13
CA GLY A 327 14.26 52.76 -8.60
C GLY A 327 15.45 53.22 -7.77
N ASP A 328 15.74 52.52 -6.69
CA ASP A 328 16.88 52.88 -5.86
C ASP A 328 18.10 52.07 -6.27
N ASP A 329 19.08 52.75 -6.88
CA ASP A 329 20.30 52.09 -7.32
C ASP A 329 21.40 52.17 -6.27
N LYS A 330 21.18 52.98 -5.23
CA LYS A 330 22.18 53.15 -4.19
C LYS A 330 22.16 51.96 -3.25
N LYS A 331 20.96 51.56 -2.84
CA LYS A 331 20.80 50.40 -1.97
C LYS A 331 21.01 49.11 -2.75
N ALA A 332 20.67 49.14 -4.04
CA ALA A 332 20.85 47.99 -4.91
C ALA A 332 22.32 47.60 -5.01
N LEU A 333 23.17 48.60 -5.23
CA LEU A 333 24.61 48.37 -5.32
C LEU A 333 25.17 47.86 -3.99
N LYS A 334 24.76 48.50 -2.91
CA LYS A 334 25.22 48.13 -1.58
C LYS A 334 24.79 46.71 -1.21
N THR A 335 23.58 46.34 -1.62
CA THR A 335 23.05 45.02 -1.30
C THR A 335 23.69 43.93 -2.16
N TYR A 336 23.94 44.25 -3.42
CA TYR A 336 24.64 43.33 -4.32
C TYR A 336 26.04 43.01 -3.81
N GLN A 337 26.68 44.00 -3.21
CA GLN A 337 28.02 43.83 -2.67
C GLN A 337 28.01 42.94 -1.43
N LYS A 338 26.93 42.98 -0.68
CA LYS A 338 26.76 42.09 0.46
C LYS A 338 26.49 40.67 -0.01
N ALA A 339 25.79 40.56 -1.14
CA ALA A 339 25.44 39.26 -1.70
C ALA A 339 26.66 38.56 -2.26
N TYR A 340 27.63 39.34 -2.72
CA TYR A 340 28.84 38.79 -3.32
C TYR A 340 29.67 37.99 -2.32
N THR A 341 29.49 38.31 -1.03
CA THR A 341 30.25 37.66 0.03
C THR A 341 29.71 36.27 0.36
N GLU A 342 28.39 36.14 0.39
N GLU A 342 28.38 36.14 0.38
CA GLU A 342 27.75 34.87 0.72
CA GLU A 342 27.73 34.88 0.71
C GLU A 342 27.84 33.88 -0.44
C GLU A 342 27.85 33.88 -0.45
N PRO A 343 27.92 32.58 -0.13
CA PRO A 343 28.06 31.49 -1.11
C PRO A 343 26.98 31.46 -2.20
N ASN A 344 27.34 30.93 -3.36
CA ASN A 344 26.43 30.83 -4.49
C ASN A 344 25.35 29.78 -4.28
N ILE A 345 24.15 30.04 -4.81
CA ILE A 345 23.10 29.03 -4.83
C ILE A 345 22.37 29.08 -6.17
N ASP A 346 22.24 27.91 -6.80
CA ASP A 346 21.61 27.78 -8.11
C ASP A 346 22.20 28.76 -9.13
N PHE A 347 21.35 29.53 -9.79
CA PHE A 347 21.79 30.45 -10.83
C PHE A 347 22.41 31.72 -10.24
N ILE A 348 22.18 31.94 -8.95
CA ILE A 348 22.74 33.12 -8.30
C ILE A 348 24.18 32.85 -7.94
N THR A 349 25.08 33.65 -8.52
CA THR A 349 26.51 33.40 -8.42
C THR A 349 27.29 34.69 -8.31
N GLY A 350 28.54 34.59 -7.89
CA GLY A 350 29.42 35.74 -7.82
C GLY A 350 29.58 36.39 -9.17
N ASP A 351 29.68 35.57 -10.21
CA ASP A 351 29.85 36.07 -11.57
C ASP A 351 28.66 36.91 -12.02
N LEU A 352 27.45 36.39 -11.79
CA LEU A 352 26.23 37.11 -12.16
C LEU A 352 26.08 38.39 -11.36
N ILE A 353 26.34 38.30 -10.06
CA ILE A 353 26.26 39.45 -9.18
C ILE A 353 27.27 40.51 -9.59
N ASN A 354 28.46 40.05 -9.97
CA ASN A 354 29.52 40.96 -10.41
C ASN A 354 29.11 41.71 -11.67
N GLU A 355 28.35 41.04 -12.52
CA GLU A 355 27.80 41.66 -13.74
C GLU A 355 26.82 42.76 -13.37
N ARG A 356 26.02 42.51 -12.34
CA ARG A 356 25.05 43.49 -11.87
C ARG A 356 25.74 44.70 -11.25
N ILE A 357 26.83 44.45 -10.52
CA ILE A 357 27.56 45.50 -9.84
C ILE A 357 28.24 46.46 -10.81
N THR A 358 28.95 45.90 -11.79
CA THR A 358 29.68 46.71 -12.77
C THR A 358 28.73 47.56 -13.62
N HIS A 359 27.50 47.07 -13.81
CA HIS A 359 26.50 47.81 -14.56
C HIS A 359 26.02 49.02 -13.77
N LEU A 360 25.95 48.87 -12.45
CA LEU A 360 25.51 49.95 -11.57
C LEU A 360 26.61 50.99 -11.35
N GLN A 361 27.86 50.52 -11.34
CA GLN A 361 29.00 51.41 -11.17
C GLN A 361 29.27 52.21 -12.44
N ALA A 362 28.85 51.67 -13.58
CA ALA A 362 29.00 52.35 -14.86
C ALA A 362 28.06 53.54 -14.95
N THR A 363 26.93 53.46 -14.25
CA THR A 363 25.96 54.54 -14.23
C THR A 363 26.05 55.32 -12.92
N ALA B 3 10.87 -9.39 8.54
CA ALA B 3 10.95 -8.84 7.18
C ALA B 3 12.35 -8.33 6.88
N GLN B 4 13.22 -9.23 6.43
CA GLN B 4 14.60 -8.87 6.13
C GLN B 4 14.88 -8.91 4.63
N VAL B 5 15.29 -7.76 4.10
CA VAL B 5 15.76 -7.69 2.73
C VAL B 5 17.28 -7.65 2.71
N ILE B 6 17.88 -8.73 2.22
CA ILE B 6 19.34 -8.84 2.22
C ILE B 6 19.95 -8.24 0.96
N SER B 7 20.79 -7.23 1.16
CA SER B 7 21.42 -6.54 0.04
C SER B 7 22.71 -7.24 -0.39
N GLU B 8 22.89 -7.36 -1.70
CA GLU B 8 24.11 -7.93 -2.25
C GLU B 8 24.39 -7.36 -3.63
N THR B 9 25.62 -7.51 -4.10
CA THR B 9 25.98 -7.06 -5.45
C THR B 9 25.98 -8.22 -6.42
N PHE B 10 25.43 -7.99 -7.61
CA PHE B 10 25.42 -8.98 -8.67
C PHE B 10 26.35 -8.54 -9.78
N SER B 11 27.28 -9.40 -10.17
CA SER B 11 28.18 -9.08 -11.26
C SER B 11 27.54 -9.43 -12.59
N SER B 12 27.34 -8.42 -13.43
CA SER B 12 26.64 -8.61 -14.69
C SER B 12 27.58 -8.46 -15.87
N GLY B 13 27.54 -9.44 -16.77
CA GLY B 13 28.35 -9.40 -17.96
C GLY B 13 27.81 -8.41 -18.97
N ARG B 14 26.48 -8.36 -19.07
CA ARG B 14 25.81 -7.47 -20.01
C ARG B 14 25.89 -6.01 -19.57
N LEU B 15 25.72 -5.77 -18.27
CA LEU B 15 25.79 -4.42 -17.72
C LEU B 15 27.23 -3.97 -17.53
N ASN B 16 28.14 -4.94 -17.46
CA ASN B 16 29.57 -4.66 -17.23
C ASN B 16 29.81 -3.85 -15.96
N ARG B 17 29.04 -4.14 -14.93
CA ARG B 17 29.17 -3.47 -13.65
C ARG B 17 28.61 -4.32 -12.52
N LYS B 18 28.95 -3.99 -11.28
CA LYS B 18 28.35 -4.64 -10.13
C LYS B 18 27.04 -3.94 -9.80
N GLN B 19 25.95 -4.69 -9.89
CA GLN B 19 24.62 -4.12 -9.71
C GLN B 19 24.06 -4.43 -8.33
N LYS B 20 23.69 -3.40 -7.59
CA LYS B 20 23.09 -3.60 -6.28
C LYS B 20 21.69 -4.19 -6.42
N ILE B 21 21.47 -5.31 -5.74
CA ILE B 21 20.16 -5.96 -5.69
C ILE B 21 19.86 -6.32 -4.26
N GLY B 22 18.62 -6.72 -3.99
CA GLY B 22 18.30 -7.21 -2.67
C GLY B 22 17.23 -8.28 -2.76
N ILE B 23 17.18 -9.13 -1.75
CA ILE B 23 16.40 -10.34 -1.80
C ILE B 23 15.58 -10.53 -0.54
N TYR B 24 14.28 -10.70 -0.71
CA TYR B 24 13.42 -11.06 0.40
C TYR B 24 13.11 -12.54 0.36
N LYS B 25 13.35 -13.22 1.47
CA LYS B 25 12.94 -14.61 1.63
C LYS B 25 11.91 -14.69 2.73
N PRO B 26 10.97 -15.63 2.62
CA PRO B 26 9.92 -15.76 3.64
C PRO B 26 10.48 -16.11 5.02
N GLU B 27 9.59 -16.25 6.00
CA GLU B 27 10.01 -16.41 7.38
C GLU B 27 10.58 -17.80 7.60
N LYS B 28 9.72 -18.81 7.51
CA LYS B 28 10.19 -20.18 7.51
C LYS B 28 10.55 -20.55 6.08
N TYR B 29 11.83 -20.84 5.85
CA TYR B 29 12.29 -21.12 4.50
C TYR B 29 12.88 -22.52 4.37
N THR B 30 12.22 -23.34 3.56
CA THR B 30 12.70 -24.67 3.24
C THR B 30 12.74 -24.85 1.73
N ASP B 31 13.63 -25.69 1.24
CA ASP B 31 13.74 -25.95 -0.20
C ASP B 31 12.83 -27.10 -0.59
N ARG B 32 12.07 -27.61 0.37
CA ARG B 32 11.11 -28.68 0.14
C ARG B 32 9.86 -28.16 -0.56
N GLN B 33 9.71 -26.83 -0.61
CA GLN B 33 8.60 -26.21 -1.30
C GLN B 33 9.09 -25.14 -2.27
N ALA B 34 8.22 -24.71 -3.17
CA ALA B 34 8.60 -23.74 -4.19
C ALA B 34 7.94 -22.38 -3.96
N TYR B 35 8.61 -21.31 -4.36
CA TYR B 35 8.08 -19.97 -4.19
C TYR B 35 7.98 -19.23 -5.52
N PRO B 36 6.91 -18.46 -5.71
CA PRO B 36 6.81 -17.58 -6.87
C PRO B 36 7.79 -16.43 -6.75
N LEU B 37 8.33 -15.97 -7.87
CA LEU B 37 9.32 -14.90 -7.87
C LEU B 37 8.74 -13.58 -8.35
N ILE B 38 9.00 -12.52 -7.59
CA ILE B 38 8.61 -11.17 -8.01
C ILE B 38 9.83 -10.28 -8.11
N VAL B 39 10.09 -9.77 -9.31
CA VAL B 39 11.23 -8.88 -9.55
C VAL B 39 10.81 -7.43 -9.56
N VAL B 40 11.54 -6.59 -8.82
CA VAL B 40 11.24 -5.15 -8.75
C VAL B 40 12.40 -4.33 -9.30
N LEU B 41 12.16 -3.64 -10.41
CA LEU B 41 13.21 -2.87 -11.09
C LEU B 41 13.48 -1.51 -10.44
N ASN B 42 12.46 -0.99 -9.78
CA ASN B 42 12.44 0.34 -9.19
C ASN B 42 12.83 0.38 -7.71
N ALA B 43 13.34 -0.75 -7.22
CA ALA B 43 13.32 -1.12 -5.80
C ALA B 43 13.76 -0.06 -4.79
N GLU B 44 14.59 0.90 -5.19
CA GLU B 44 14.95 1.98 -4.27
C GLU B 44 13.71 2.65 -3.66
N THR B 45 12.61 2.62 -4.40
CA THR B 45 11.31 3.10 -3.91
C THR B 45 10.33 1.94 -3.67
N LEU B 46 10.01 1.21 -4.73
CA LEU B 46 8.96 0.19 -4.70
C LEU B 46 9.21 -1.08 -3.86
N MSE B 47 10.47 -1.37 -3.53
CA MSE B 47 10.80 -2.64 -2.87
C MSE B 47 10.05 -2.88 -1.57
O MSE B 47 9.36 -3.89 -1.41
CB MSE B 47 12.30 -2.74 -2.60
CG MSE B 47 12.74 -4.06 -1.97
SE MSE B 47 12.63 -5.58 -3.18
CE MSE B 47 13.39 -6.96 -2.03
N GLU B 48 10.19 -1.95 -0.62
CA GLU B 48 9.58 -2.12 0.69
C GLU B 48 8.05 -2.16 0.67
N PRO B 49 7.40 -1.30 -0.15
CA PRO B 49 5.94 -1.47 -0.24
C PRO B 49 5.53 -2.83 -0.82
N VAL B 50 6.26 -3.34 -1.81
CA VAL B 50 5.95 -4.64 -2.39
C VAL B 50 6.15 -5.75 -1.35
N VAL B 51 7.29 -5.74 -0.68
CA VAL B 51 7.61 -6.75 0.32
C VAL B 51 6.60 -6.73 1.47
N SER B 52 6.24 -5.54 1.94
CA SER B 52 5.31 -5.43 3.06
C SER B 52 3.92 -5.92 2.69
N MSE B 53 3.52 -5.70 1.43
CA MSE B 53 2.18 -6.09 0.99
C MSE B 53 2.06 -7.58 0.68
O MSE B 53 0.98 -8.16 0.84
CB MSE B 53 1.75 -5.26 -0.22
CG MSE B 53 1.47 -3.80 0.12
SE MSE B 53 0.75 -2.75 -1.37
CE MSE B 53 1.17 -0.95 -0.74
N VAL B 54 3.14 -8.23 0.25
CA VAL B 54 3.08 -9.66 0.00
C VAL B 54 3.11 -10.43 1.32
N ARG B 55 3.73 -9.84 2.34
CA ARG B 55 3.70 -10.41 3.68
C ARG B 55 2.32 -10.24 4.29
N TYR B 56 1.74 -9.07 4.02
CA TYR B 56 0.40 -8.73 4.47
C TYR B 56 -0.63 -9.74 3.95
N TYR B 57 -0.64 -9.94 2.64
CA TYR B 57 -1.55 -10.88 1.99
C TYR B 57 -1.30 -12.31 2.45
N GLU B 58 -0.04 -12.64 2.72
CA GLU B 58 0.32 -13.99 3.15
C GLU B 58 -0.23 -14.28 4.54
N GLN B 59 -0.22 -13.27 5.41
CA GLN B 59 -0.74 -13.44 6.77
C GLN B 59 -2.24 -13.69 6.76
N PHE B 60 -2.93 -13.14 5.76
CA PHE B 60 -4.37 -13.33 5.63
C PHE B 60 -4.70 -14.55 4.76
N GLY B 61 -3.67 -15.26 4.34
CA GLY B 61 -3.84 -16.47 3.56
C GLY B 61 -4.35 -16.21 2.16
N GLU B 62 -4.19 -14.98 1.69
CA GLU B 62 -4.59 -14.61 0.33
C GLU B 62 -3.46 -14.80 -0.67
N MSE B 63 -2.26 -15.06 -0.16
CA MSE B 63 -1.09 -15.27 -1.01
C MSE B 63 -0.17 -16.35 -0.44
O MSE B 63 -0.06 -16.49 0.78
CB MSE B 63 -0.29 -13.97 -1.18
CG MSE B 63 -0.75 -13.10 -2.33
SE MSE B 63 0.48 -11.60 -2.64
CE MSE B 63 2.11 -12.61 -3.01
N PRO B 64 0.50 -17.10 -1.32
CA PRO B 64 1.55 -18.01 -0.89
C PRO B 64 2.82 -17.24 -0.53
N LYS B 65 3.74 -17.86 0.19
CA LYS B 65 5.02 -17.24 0.47
C LYS B 65 5.78 -17.03 -0.83
N CYS B 66 6.33 -15.83 -1.01
CA CYS B 66 7.01 -15.49 -2.25
C CYS B 66 8.43 -14.96 -1.99
N ILE B 67 9.27 -15.07 -3.01
CA ILE B 67 10.60 -14.47 -2.97
C ILE B 67 10.62 -13.22 -3.83
N VAL B 68 11.05 -12.11 -3.26
CA VAL B 68 11.08 -10.84 -3.97
C VAL B 68 12.51 -10.37 -4.19
N VAL B 69 12.84 -10.08 -5.44
CA VAL B 69 14.17 -9.60 -5.78
C VAL B 69 14.12 -8.21 -6.40
N GLY B 70 14.64 -7.22 -5.68
CA GLY B 70 14.68 -5.87 -6.21
C GLY B 70 15.98 -5.50 -6.91
N VAL B 71 15.88 -4.55 -7.84
CA VAL B 71 17.04 -3.98 -8.50
C VAL B 71 17.15 -2.52 -8.13
N TYR B 72 18.21 -2.17 -7.41
CA TYR B 72 18.30 -0.83 -6.82
C TYR B 72 18.94 0.20 -7.74
N GLU B 73 18.21 1.28 -7.96
CA GLU B 73 18.68 2.45 -8.70
C GLU B 73 19.36 2.14 -10.03
N PRO B 74 18.59 1.65 -11.00
CA PRO B 74 19.14 1.52 -12.35
C PRO B 74 19.29 2.89 -12.98
N LYS B 75 20.24 3.06 -13.89
CA LYS B 75 20.44 4.33 -14.55
C LYS B 75 19.28 4.64 -15.49
N GLN B 76 19.08 5.92 -15.80
CA GLN B 76 17.98 6.34 -16.65
C GLN B 76 18.07 5.72 -18.05
N GLU B 77 19.29 5.65 -18.58
N GLU B 77 19.29 5.64 -18.57
CA GLU B 77 19.50 5.06 -19.90
CA GLU B 77 19.54 5.07 -19.89
C GLU B 77 19.25 3.57 -19.91
C GLU B 77 19.25 3.57 -19.91
N ASP B 78 19.28 2.95 -18.74
CA ASP B 78 19.04 1.52 -18.61
C ASP B 78 17.56 1.17 -18.78
N VAL B 79 16.69 1.97 -18.17
CA VAL B 79 15.26 1.66 -18.17
C VAL B 79 14.46 2.41 -19.23
N THR B 80 15.11 3.22 -20.04
CA THR B 80 14.38 4.07 -20.99
C THR B 80 14.38 3.54 -22.42
N VAL B 81 13.18 3.35 -22.96
CA VAL B 81 13.00 3.00 -24.36
C VAL B 81 12.83 4.26 -25.19
N VAL B 82 13.78 4.52 -26.09
CA VAL B 82 13.79 5.75 -26.86
C VAL B 82 12.69 5.76 -27.94
N GLU B 83 12.19 6.96 -28.23
CA GLU B 83 11.07 7.11 -29.16
C GLU B 83 11.48 6.78 -30.59
N GLU B 84 12.75 7.00 -30.91
CA GLU B 84 13.25 6.81 -32.26
C GLU B 84 13.12 5.36 -32.75
N VAL B 85 13.72 4.43 -32.03
CA VAL B 85 13.65 3.01 -32.39
C VAL B 85 12.35 2.34 -31.92
N GLY B 86 11.92 2.65 -30.71
CA GLY B 86 10.67 2.12 -30.19
C GLY B 86 10.79 0.80 -29.45
N ARG B 87 12.01 0.30 -29.33
CA ARG B 87 12.27 -0.92 -28.58
C ARG B 87 13.58 -0.75 -27.80
N PRO B 88 13.81 -1.58 -26.78
CA PRO B 88 15.08 -1.47 -26.04
C PRO B 88 16.30 -1.66 -26.94
N ILE B 89 17.23 -0.73 -26.87
CA ILE B 89 18.50 -0.83 -27.61
C ILE B 89 19.63 -0.31 -26.73
N ASN B 90 20.85 -0.68 -27.07
CA ASN B 90 22.03 -0.24 -26.34
C ASN B 90 21.92 -0.50 -24.84
N GLU B 91 21.99 0.55 -24.05
CA GLU B 91 21.95 0.43 -22.59
C GLU B 91 20.66 -0.21 -22.10
N SER B 92 19.54 0.17 -22.72
CA SER B 92 18.24 -0.35 -22.32
C SER B 92 18.10 -1.82 -22.69
N ALA B 93 18.71 -2.23 -23.79
CA ALA B 93 18.67 -3.62 -24.22
C ALA B 93 19.52 -4.49 -23.29
N ARG B 94 20.65 -3.95 -22.85
CA ARG B 94 21.54 -4.67 -21.95
C ARG B 94 20.86 -4.89 -20.61
N PHE B 95 20.20 -3.86 -20.09
CA PHE B 95 19.48 -3.98 -18.82
C PHE B 95 18.30 -4.94 -18.97
N PHE B 96 17.59 -4.81 -20.09
CA PHE B 96 16.45 -5.65 -20.39
C PHE B 96 16.81 -7.13 -20.33
N GLU B 97 17.92 -7.50 -20.97
CA GLU B 97 18.36 -8.89 -21.01
C GLU B 97 19.06 -9.30 -19.72
N PHE B 98 19.63 -8.33 -19.00
CA PHE B 98 20.26 -8.60 -17.71
C PHE B 98 19.26 -9.23 -16.75
N VAL B 99 18.03 -8.71 -16.75
CA VAL B 99 16.97 -9.25 -15.91
C VAL B 99 16.60 -10.67 -16.34
N SER B 100 16.34 -10.82 -17.64
CA SER B 100 15.92 -12.10 -18.20
C SER B 100 16.99 -13.19 -18.14
N ALA B 101 18.15 -12.90 -18.72
CA ALA B 101 19.16 -13.91 -18.96
C ALA B 101 20.16 -14.11 -17.82
N GLU B 102 20.17 -13.19 -16.86
CA GLU B 102 21.17 -13.25 -15.79
C GLU B 102 20.54 -13.31 -14.39
N LEU B 103 19.85 -12.24 -14.02
CA LEU B 103 19.29 -12.11 -12.67
C LEU B 103 18.34 -13.24 -12.31
N VAL B 104 17.31 -13.44 -13.14
CA VAL B 104 16.31 -14.46 -12.88
C VAL B 104 16.88 -15.90 -12.84
N PRO B 105 17.72 -16.28 -13.83
CA PRO B 105 18.31 -17.62 -13.72
C PRO B 105 19.20 -17.78 -12.49
N TYR B 106 19.85 -16.69 -12.07
CA TYR B 106 20.67 -16.72 -10.87
C TYR B 106 19.83 -17.04 -9.64
N ILE B 107 18.66 -16.40 -9.55
CA ILE B 107 17.75 -16.64 -8.44
C ILE B 107 17.18 -18.06 -8.53
N GLN B 108 16.89 -18.52 -9.75
CA GLN B 108 16.36 -19.85 -9.96
C GLN B 108 17.37 -20.93 -9.56
N GLY B 109 18.65 -20.59 -9.66
CA GLY B 109 19.70 -21.51 -9.26
C GLY B 109 19.89 -21.54 -7.76
N LYS B 110 19.74 -20.38 -7.12
CA LYS B 110 19.96 -20.24 -5.69
C LYS B 110 18.75 -20.67 -4.85
N TYR B 111 17.58 -20.68 -5.47
CA TYR B 111 16.34 -20.93 -4.74
C TYR B 111 15.35 -21.77 -5.56
N PRO B 112 14.47 -22.52 -4.88
CA PRO B 112 13.42 -23.27 -5.56
C PRO B 112 12.28 -22.37 -6.05
N ILE B 113 12.48 -21.74 -7.20
CA ILE B 113 11.50 -20.82 -7.76
C ILE B 113 10.38 -21.57 -8.49
N ALA B 114 9.14 -21.20 -8.19
CA ALA B 114 7.98 -21.82 -8.83
C ALA B 114 7.83 -21.34 -10.28
N ASP B 115 6.80 -21.84 -10.95
CA ASP B 115 6.59 -21.53 -12.36
C ASP B 115 6.07 -20.10 -12.57
N LEU B 116 5.61 -19.47 -11.49
CA LEU B 116 5.11 -18.10 -11.57
C LEU B 116 6.20 -17.08 -11.24
N LYS B 117 6.57 -16.28 -12.23
CA LYS B 117 7.56 -15.23 -12.04
C LYS B 117 7.01 -13.90 -12.51
N GLY B 118 6.88 -12.94 -11.60
CA GLY B 118 6.36 -11.63 -11.95
C GLY B 118 7.40 -10.53 -12.02
N VAL B 119 7.00 -9.38 -12.56
CA VAL B 119 7.87 -8.21 -12.60
C VAL B 119 7.05 -6.95 -12.32
N ILE B 120 7.55 -6.11 -11.41
CA ILE B 120 6.89 -4.87 -11.06
C ILE B 120 7.82 -3.69 -11.32
N ALA B 121 7.32 -2.69 -12.04
CA ALA B 121 8.13 -1.53 -12.37
C ALA B 121 7.28 -0.28 -12.52
N SER B 122 7.92 0.88 -12.42
CA SER B 122 7.22 2.15 -12.56
C SER B 122 7.96 3.11 -13.49
N GLU B 123 7.24 4.12 -13.99
CA GLU B 123 7.80 5.13 -14.89
C GLU B 123 8.41 4.51 -16.14
N GLU B 124 9.65 4.89 -16.46
CA GLU B 124 10.32 4.39 -17.65
C GLU B 124 10.49 2.86 -17.60
N ALA B 125 10.92 2.36 -16.45
CA ALA B 125 11.05 0.92 -16.27
C ALA B 125 9.70 0.22 -16.38
N GLY B 126 8.64 0.92 -15.96
CA GLY B 126 7.29 0.40 -16.06
C GLY B 126 6.89 0.13 -17.50
N PHE B 127 7.33 1.00 -18.41
CA PHE B 127 7.05 0.80 -19.83
C PHE B 127 8.00 -0.23 -20.42
N LEU B 128 9.24 -0.24 -19.93
CA LEU B 128 10.23 -1.21 -20.36
C LEU B 128 9.78 -2.64 -20.08
N ALA B 129 9.08 -2.82 -18.96
CA ALA B 129 8.62 -4.14 -18.53
C ALA B 129 7.61 -4.75 -19.51
N ASN B 130 6.92 -3.89 -20.26
CA ASN B 130 5.96 -4.36 -21.24
C ASN B 130 6.58 -5.26 -22.31
N TYR B 131 7.84 -4.99 -22.62
CA TYR B 131 8.51 -5.64 -23.74
C TYR B 131 8.85 -7.11 -23.48
N TYR B 132 8.64 -7.56 -22.25
CA TYR B 132 8.82 -8.98 -21.92
C TYR B 132 7.70 -9.82 -22.55
N MSE B 133 6.62 -9.16 -22.97
CA MSE B 133 5.54 -9.81 -23.71
C MSE B 133 5.97 -10.24 -25.10
O MSE B 133 5.40 -11.15 -25.70
CB MSE B 133 4.33 -8.89 -23.81
CG MSE B 133 3.46 -8.81 -22.57
SE MSE B 133 2.14 -7.39 -22.74
CE MSE B 133 1.58 -7.73 -24.58
N LEU B 134 6.99 -9.57 -25.63
CA LEU B 134 7.42 -9.78 -27.00
C LEU B 134 8.50 -10.86 -27.12
N ALA B 135 8.83 -11.48 -26.00
CA ALA B 135 9.85 -12.53 -25.97
C ALA B 135 9.49 -13.70 -26.89
N GLU B 136 10.43 -14.06 -27.76
CA GLU B 136 10.20 -15.10 -28.77
C GLU B 136 10.31 -16.52 -28.20
N LYS B 137 11.19 -16.70 -27.22
CA LYS B 137 11.52 -18.04 -26.73
C LYS B 137 10.41 -18.63 -25.87
N LYS B 138 10.15 -18.00 -24.74
CA LYS B 138 9.22 -18.49 -23.72
C LYS B 138 9.14 -17.43 -22.64
N PRO B 139 7.94 -17.17 -22.13
CA PRO B 139 7.79 -16.05 -21.19
C PRO B 139 8.67 -16.19 -19.95
N THR B 140 9.44 -15.14 -19.66
CA THR B 140 10.20 -15.07 -18.44
C THR B 140 9.25 -14.66 -17.32
N PHE B 141 8.39 -13.70 -17.62
CA PHE B 141 7.42 -13.22 -16.65
C PHE B 141 5.99 -13.52 -17.07
N ASN B 142 5.27 -14.20 -16.18
CA ASN B 142 3.86 -14.49 -16.38
C ASN B 142 3.00 -13.40 -15.78
N MSE B 143 3.64 -12.50 -15.03
CA MSE B 143 2.97 -11.40 -14.38
C MSE B 143 3.71 -10.09 -14.65
O MSE B 143 4.90 -9.96 -14.33
CB MSE B 143 2.86 -11.64 -12.88
CG MSE B 143 2.09 -10.55 -12.13
SE MSE B 143 2.27 -10.71 -10.19
CE MSE B 143 4.00 -9.85 -9.94
N ILE B 144 3.03 -9.12 -15.25
CA ILE B 144 3.62 -7.84 -15.54
C ILE B 144 2.78 -6.71 -14.93
N VAL B 145 3.38 -5.96 -14.02
CA VAL B 145 2.70 -4.84 -13.41
C VAL B 145 3.39 -3.53 -13.78
N SER B 146 2.71 -2.73 -14.59
CA SER B 146 3.26 -1.46 -15.05
C SER B 146 2.58 -0.29 -14.36
N LEU B 147 3.31 0.39 -13.49
CA LEU B 147 2.75 1.45 -12.68
C LEU B 147 3.20 2.83 -13.14
N ASN B 148 2.26 3.65 -13.57
CA ASN B 148 2.57 4.98 -14.11
C ASN B 148 3.67 4.93 -15.17
N PRO B 149 3.46 4.18 -16.25
CA PRO B 149 4.54 4.09 -17.23
C PRO B 149 4.70 5.37 -18.03
N VAL B 150 5.92 5.67 -18.46
CA VAL B 150 6.13 6.70 -19.46
C VAL B 150 6.16 5.98 -20.79
N ALA B 151 5.12 6.14 -21.59
CA ALA B 151 4.94 5.25 -22.74
C ALA B 151 5.26 5.87 -24.09
N LEU B 152 5.20 5.02 -25.11
CA LEU B 152 5.22 5.43 -26.50
C LEU B 152 3.90 5.02 -27.15
N PRO B 153 3.04 5.99 -27.45
CA PRO B 153 1.72 5.71 -28.03
C PRO B 153 1.79 4.89 -29.32
N ARG B 154 2.81 5.11 -30.14
CA ARG B 154 2.93 4.43 -31.43
C ARG B 154 3.19 2.94 -31.29
N MSE B 155 3.65 2.51 -30.13
CA MSE B 155 4.00 1.11 -29.90
C MSE B 155 2.82 0.30 -29.38
O MSE B 155 2.94 -0.90 -29.14
CB MSE B 155 5.18 1.00 -28.95
CG MSE B 155 6.45 1.66 -29.45
SE MSE B 155 7.00 0.96 -31.19
CE MSE B 155 7.22 -0.92 -30.69
N GLY B 156 1.68 0.96 -29.21
CA GLY B 156 0.50 0.31 -28.68
C GLY B 156 -0.02 -0.82 -29.54
N GLU B 157 -0.01 -0.61 -30.85
CA GLU B 157 -0.54 -1.60 -31.78
C GLU B 157 0.25 -2.91 -31.74
N GLU B 158 1.56 -2.81 -31.51
CA GLU B 158 2.42 -3.99 -31.51
C GLU B 158 2.15 -4.87 -30.28
N PHE B 159 1.86 -4.24 -29.14
CA PHE B 159 1.53 -4.98 -27.94
C PHE B 159 0.12 -5.54 -28.03
N SER B 160 -0.71 -4.91 -28.87
CA SER B 160 -2.07 -5.39 -29.10
C SER B 160 -2.05 -6.76 -29.77
N HIS B 161 -1.16 -6.93 -30.74
CA HIS B 161 -1.01 -8.20 -31.44
C HIS B 161 -0.53 -9.30 -30.50
N ALA B 162 0.35 -8.93 -29.58
CA ALA B 162 0.90 -9.88 -28.61
C ALA B 162 -0.19 -10.38 -27.66
N LEU B 163 -1.05 -9.46 -27.23
CA LEU B 163 -2.15 -9.80 -26.33
C LEU B 163 -3.17 -10.68 -27.03
N ALA B 164 -3.36 -10.44 -28.32
CA ALA B 164 -4.32 -11.20 -29.12
C ALA B 164 -3.80 -12.62 -29.39
N ALA B 165 -2.48 -12.74 -29.49
CA ALA B 165 -1.85 -14.03 -29.74
C ALA B 165 -1.90 -14.93 -28.50
N GLY B 166 -1.66 -14.33 -27.34
CA GLY B 166 -1.72 -15.05 -26.08
C GLY B 166 -0.41 -15.73 -25.71
N VAL B 167 -0.47 -16.51 -24.64
CA VAL B 167 0.70 -17.22 -24.13
C VAL B 167 0.37 -18.69 -23.93
N PRO B 168 1.40 -19.55 -23.83
CA PRO B 168 1.16 -20.99 -23.61
C PRO B 168 0.31 -21.29 -22.37
N ASN B 169 0.56 -20.60 -21.26
CA ASN B 169 -0.22 -20.89 -20.04
C ASN B 169 -1.07 -19.72 -19.55
N ARG B 170 -0.43 -18.73 -18.93
CA ARG B 170 -1.17 -17.59 -18.39
C ARG B 170 -0.34 -16.32 -18.38
N LEU B 171 -0.99 -15.19 -18.67
CA LEU B 171 -0.35 -13.88 -18.56
C LEU B 171 -1.24 -12.92 -17.80
N PHE B 172 -0.76 -12.44 -16.66
CA PHE B 172 -1.46 -11.42 -15.90
C PHE B 172 -0.82 -10.06 -16.15
N TYR B 173 -1.58 -9.17 -16.78
CA TYR B 173 -1.07 -7.84 -17.07
C TYR B 173 -1.86 -6.76 -16.34
N TYR B 174 -1.16 -5.89 -15.63
CA TYR B 174 -1.79 -4.80 -14.90
C TYR B 174 -1.10 -3.48 -15.17
N MSE B 175 -1.86 -2.51 -15.66
CA MSE B 175 -1.33 -1.16 -15.89
C MSE B 175 -2.15 -0.12 -15.17
O MSE B 175 -3.38 -0.13 -15.21
CB MSE B 175 -1.28 -0.85 -17.38
CG MSE B 175 -0.93 0.60 -17.69
SE MSE B 175 -0.84 0.96 -19.60
CE MSE B 175 -0.72 2.90 -19.55
N ALA B 176 -1.47 0.80 -14.48
CA ALA B 176 -2.15 1.87 -13.76
C ALA B 176 -1.52 3.23 -14.08
N THR B 177 -2.36 4.26 -14.11
CA THR B 177 -1.89 5.62 -14.32
C THR B 177 -2.71 6.62 -13.52
N ALA B 178 -2.15 7.81 -13.30
CA ALA B 178 -2.81 8.86 -12.55
C ALA B 178 -2.60 10.20 -13.23
N ASP B 179 -3.62 11.05 -13.24
CA ASP B 179 -3.56 12.30 -13.99
C ASP B 179 -3.09 13.54 -13.21
N VAL B 180 -2.96 13.47 -11.89
CA VAL B 180 -2.71 14.71 -11.16
C VAL B 180 -1.24 15.12 -11.22
N GLU B 181 -1.03 16.28 -11.84
CA GLU B 181 0.29 16.84 -12.15
C GLU B 181 1.10 15.86 -13.01
N ASN B 182 0.41 14.92 -13.63
CA ASN B 182 1.00 14.00 -14.58
C ASN B 182 0.73 14.27 -16.06
N LYS B 183 0.02 15.36 -16.36
CA LYS B 183 -0.79 15.45 -17.60
C LYS B 183 -0.10 15.01 -18.88
N VAL B 184 1.14 15.44 -19.10
CA VAL B 184 1.89 15.02 -20.28
C VAL B 184 2.07 13.50 -20.31
N VAL B 185 2.57 12.95 -19.21
CA VAL B 185 2.78 11.52 -19.07
C VAL B 185 1.45 10.76 -19.10
N TYR B 186 0.46 11.29 -18.39
CA TYR B 186 -0.85 10.67 -18.29
C TYR B 186 -1.52 10.49 -19.65
N ASP B 187 -1.46 11.53 -20.47
CA ASP B 187 -2.09 11.49 -21.79
C ASP B 187 -1.44 10.43 -22.68
N LYS B 188 -0.11 10.36 -22.65
CA LYS B 188 0.62 9.38 -23.44
C LYS B 188 0.27 7.97 -22.99
N ALA B 189 0.04 7.80 -21.70
CA ALA B 189 -0.32 6.50 -21.15
C ALA B 189 -1.67 6.03 -21.68
N ILE B 190 -2.64 6.93 -21.70
CA ILE B 190 -3.97 6.61 -22.18
C ILE B 190 -3.97 6.31 -23.67
N GLN B 191 -3.26 7.12 -24.44
CA GLN B 191 -3.13 6.91 -25.88
C GLN B 191 -2.52 5.54 -26.17
N PHE B 192 -1.49 5.19 -25.40
CA PHE B 192 -0.83 3.89 -25.55
C PHE B 192 -1.77 2.75 -25.21
N GLU B 193 -2.49 2.90 -24.10
CA GLU B 193 -3.40 1.86 -23.62
C GLU B 193 -4.54 1.62 -24.61
N ARG B 194 -5.07 2.69 -25.17
CA ARG B 194 -6.14 2.60 -26.15
C ARG B 194 -5.70 1.80 -27.38
N ALA B 195 -4.46 2.01 -27.80
CA ALA B 195 -3.91 1.32 -28.96
C ALA B 195 -3.62 -0.15 -28.65
N MSE B 196 -3.37 -0.43 -27.37
CA MSE B 196 -3.02 -1.77 -26.93
C MSE B 196 -4.25 -2.68 -26.83
O MSE B 196 -4.16 -3.88 -27.03
CB MSE B 196 -2.28 -1.71 -25.59
CG MSE B 196 -1.86 -3.06 -25.04
SE MSE B 196 -0.63 -2.94 -23.53
CE MSE B 196 -1.61 -1.69 -22.40
N ARG B 197 -5.39 -2.08 -26.50
N ARG B 197 -5.40 -2.08 -26.50
CA ARG B 197 -6.63 -2.83 -26.34
CA ARG B 197 -6.63 -2.85 -26.35
C ARG B 197 -7.45 -2.90 -27.63
C ARG B 197 -7.45 -2.90 -27.63
N SER B 198 -6.88 -2.36 -28.71
CA SER B 198 -7.55 -2.34 -30.01
C SER B 198 -8.10 -3.71 -30.43
N ALA B 199 -7.25 -4.73 -30.37
CA ALA B 199 -7.67 -6.08 -30.69
C ALA B 199 -8.21 -6.80 -29.45
N PRO B 200 -9.16 -7.73 -29.65
CA PRO B 200 -9.67 -8.57 -28.56
C PRO B 200 -8.56 -9.38 -27.90
N VAL B 201 -8.62 -9.50 -26.59
CA VAL B 201 -7.56 -10.18 -25.83
C VAL B 201 -7.76 -11.69 -25.80
N HIS B 202 -6.67 -12.42 -26.02
CA HIS B 202 -6.69 -13.88 -25.98
C HIS B 202 -7.09 -14.39 -24.59
N GLU B 203 -7.74 -15.54 -24.55
CA GLU B 203 -8.30 -16.08 -23.31
C GLU B 203 -7.23 -16.43 -22.27
N SER B 204 -6.00 -16.67 -22.73
CA SER B 204 -4.91 -17.03 -21.83
C SER B 204 -4.38 -15.81 -21.08
N VAL B 205 -4.86 -14.63 -21.46
CA VAL B 205 -4.38 -13.39 -20.87
C VAL B 205 -5.44 -12.73 -19.99
N GLU B 206 -5.05 -12.39 -18.76
CA GLU B 206 -5.90 -11.61 -17.87
C GLU B 206 -5.41 -10.17 -17.86
N TYR B 207 -6.20 -9.28 -18.44
CA TYR B 207 -5.78 -7.89 -18.65
C TYR B 207 -6.51 -6.93 -17.71
N HIS B 208 -5.74 -6.07 -17.04
CA HIS B 208 -6.31 -5.05 -16.17
C HIS B 208 -5.66 -3.70 -16.38
N PHE B 209 -6.47 -2.70 -16.71
CA PHE B 209 -6.01 -1.32 -16.78
C PHE B 209 -6.84 -0.44 -15.86
N VAL B 210 -6.20 0.12 -14.84
CA VAL B 210 -6.90 0.96 -13.88
C VAL B 210 -6.45 2.42 -14.01
N ASP B 211 -7.38 3.29 -14.35
CA ASP B 211 -7.11 4.71 -14.45
C ASP B 211 -7.49 5.41 -13.15
N PHE B 212 -6.50 5.94 -12.44
CA PHE B 212 -6.78 6.66 -11.20
C PHE B 212 -6.95 8.14 -11.53
N LYS B 213 -8.18 8.62 -11.42
CA LYS B 213 -8.47 9.99 -11.81
C LYS B 213 -8.68 10.84 -10.57
N GLY B 214 -8.01 12.00 -10.53
CA GLY B 214 -8.06 12.86 -9.37
C GLY B 214 -7.14 12.35 -8.28
N SER B 215 -6.23 11.46 -8.65
CA SER B 215 -5.29 10.88 -7.71
C SER B 215 -3.85 11.27 -8.03
N SER B 216 -3.06 11.52 -6.99
CA SER B 216 -1.64 11.76 -7.15
C SER B 216 -0.95 10.50 -7.63
N VAL B 217 0.14 10.67 -8.37
CA VAL B 217 0.85 9.56 -8.98
C VAL B 217 1.36 8.53 -7.96
N ASN B 218 2.12 9.00 -6.99
CA ASN B 218 2.74 8.11 -6.01
C ASN B 218 1.73 7.35 -5.16
N ALA B 219 0.61 7.99 -4.87
CA ALA B 219 -0.46 7.33 -4.11
C ALA B 219 -1.15 6.28 -4.97
N ALA B 220 -1.22 6.55 -6.27
CA ALA B 220 -1.86 5.62 -7.19
C ALA B 220 -1.01 4.37 -7.39
N LYS B 221 0.31 4.54 -7.38
CA LYS B 221 1.22 3.42 -7.56
C LYS B 221 1.12 2.43 -6.40
N LEU B 222 0.95 2.94 -5.19
CA LEU B 222 0.78 2.10 -4.02
C LEU B 222 -0.49 1.27 -4.15
N GLN B 223 -1.57 1.93 -4.55
CA GLN B 223 -2.85 1.25 -4.73
C GLN B 223 -2.78 0.27 -5.89
N GLY B 224 -1.92 0.56 -6.86
CA GLY B 224 -1.73 -0.32 -7.99
C GLY B 224 -1.13 -1.65 -7.59
N ILE B 225 -0.13 -1.60 -6.71
CA ILE B 225 0.49 -2.82 -6.19
C ILE B 225 -0.52 -3.66 -5.41
N ALA B 226 -1.30 -3.00 -4.57
CA ALA B 226 -2.29 -3.67 -3.74
C ALA B 226 -3.33 -4.39 -4.60
N GLN B 227 -3.82 -3.70 -5.64
CA GLN B 227 -4.81 -4.28 -6.53
C GLN B 227 -4.22 -5.42 -7.36
N ALA B 228 -3.03 -5.20 -7.92
CA ALA B 228 -2.40 -6.17 -8.81
C ALA B 228 -2.15 -7.50 -8.09
N LEU B 229 -1.57 -7.43 -6.90
CA LEU B 229 -1.30 -8.62 -6.10
C LEU B 229 -2.60 -9.31 -5.71
N ASP B 230 -3.63 -8.52 -5.41
CA ASP B 230 -4.91 -9.06 -4.99
C ASP B 230 -5.56 -9.90 -6.08
N MSE B 231 -5.57 -9.38 -7.30
CA MSE B 231 -6.26 -10.04 -8.40
C MSE B 231 -5.47 -11.20 -8.99
O MSE B 231 -6.05 -12.22 -9.39
CB MSE B 231 -6.58 -9.02 -9.50
CG MSE B 231 -7.63 -8.01 -9.09
SE MSE B 231 -7.92 -6.65 -10.46
CE MSE B 231 -6.12 -5.95 -10.52
N CYS B 232 -4.15 -11.03 -9.08
CA CYS B 232 -3.29 -12.05 -9.68
C CYS B 232 -3.30 -13.35 -8.86
N PHE B 233 -3.21 -13.19 -7.53
CA PHE B 233 -3.16 -14.34 -6.63
C PHE B 233 -4.53 -14.74 -6.09
N ASP B 234 -5.57 -14.10 -6.60
CA ASP B 234 -6.94 -14.26 -6.08
C ASP B 234 -7.41 -15.71 -5.95
N ILE B 235 -6.94 -16.58 -6.84
CA ILE B 235 -7.34 -17.99 -6.81
C ILE B 235 -6.86 -18.69 -5.54
N TYR B 236 -5.86 -18.12 -4.88
CA TYR B 236 -5.29 -18.71 -3.68
C TYR B 236 -6.18 -18.48 -2.46
N LYS B 237 -7.05 -17.48 -2.56
CA LYS B 237 -7.93 -17.10 -1.45
C LYS B 237 -8.79 -18.26 -0.96
N PRO B 238 -9.09 -18.28 0.35
CA PRO B 238 -10.01 -19.27 0.92
C PRO B 238 -11.42 -19.13 0.33
N ILE B 239 -12.22 -20.17 0.44
CA ILE B 239 -13.58 -20.13 -0.08
C ILE B 239 -14.48 -19.39 0.92
N GLY B 240 -15.09 -18.31 0.45
CA GLY B 240 -15.93 -17.48 1.31
C GLY B 240 -17.36 -17.96 1.38
N GLY B 241 -18.11 -17.41 2.33
CA GLY B 241 -19.49 -17.80 2.52
C GLY B 241 -20.36 -17.50 1.31
N LYS B 242 -20.11 -16.37 0.67
CA LYS B 242 -20.84 -15.97 -0.53
C LYS B 242 -20.52 -16.93 -1.68
N GLU B 243 -19.24 -17.25 -1.82
CA GLU B 243 -18.80 -18.18 -2.87
C GLU B 243 -19.39 -19.57 -2.62
N PHE B 244 -19.35 -20.01 -1.37
CA PHE B 244 -19.91 -21.29 -0.97
C PHE B 244 -21.41 -21.36 -1.25
N LYS B 245 -22.12 -20.32 -0.84
CA LYS B 245 -23.58 -20.26 -0.98
C LYS B 245 -23.99 -20.19 -2.45
N THR B 246 -23.10 -19.67 -3.29
CA THR B 246 -23.41 -19.45 -4.70
C THR B 246 -22.86 -20.55 -5.60
N GLN B 247 -21.54 -20.69 -5.64
CA GLN B 247 -20.89 -21.60 -6.58
C GLN B 247 -20.91 -23.07 -6.15
N MSE B 248 -21.17 -23.32 -4.87
CA MSE B 248 -21.09 -24.68 -4.34
C MSE B 248 -22.46 -25.29 -4.02
O MSE B 248 -22.84 -26.29 -4.60
CB MSE B 248 -20.19 -24.72 -3.10
CG MSE B 248 -18.77 -24.25 -3.37
SE MSE B 248 -17.47 -24.94 -2.10
CE MSE B 248 -17.54 -26.83 -2.60
N GLU B 249 -23.17 -24.68 -3.07
CA GLU B 249 -24.47 -25.20 -2.65
C GLU B 249 -25.49 -25.31 -3.79
N THR B 250 -25.24 -24.59 -4.88
CA THR B 250 -26.14 -24.64 -6.03
C THR B 250 -25.83 -25.84 -6.93
N LEU B 251 -24.74 -26.53 -6.63
CA LEU B 251 -24.36 -27.72 -7.39
C LEU B 251 -25.07 -28.96 -6.85
N GLU B 252 -25.73 -29.69 -7.74
CA GLU B 252 -26.35 -30.95 -7.37
C GLU B 252 -25.32 -32.08 -7.32
N THR B 253 -24.41 -32.08 -8.29
CA THR B 253 -23.31 -33.04 -8.32
C THR B 253 -22.00 -32.34 -8.67
N GLY B 254 -20.92 -33.12 -8.73
CA GLY B 254 -19.61 -32.59 -9.06
C GLY B 254 -19.07 -31.58 -8.07
N ILE B 255 -19.43 -31.76 -6.79
CA ILE B 255 -19.04 -30.82 -5.75
C ILE B 255 -17.57 -30.98 -5.38
N TYR B 256 -17.10 -32.23 -5.28
CA TYR B 256 -15.69 -32.49 -5.03
C TYR B 256 -14.83 -31.88 -6.13
N GLU B 257 -15.33 -31.93 -7.35
CA GLU B 257 -14.62 -31.40 -8.51
C GLU B 257 -14.35 -29.90 -8.39
N TYR B 258 -15.27 -29.20 -7.72
CA TYR B 258 -15.09 -27.77 -7.50
C TYR B 258 -13.87 -27.50 -6.64
N LEU B 259 -13.74 -28.25 -5.55
CA LEU B 259 -12.60 -28.12 -4.65
C LEU B 259 -11.30 -28.50 -5.36
N GLU B 260 -11.34 -29.59 -6.12
CA GLU B 260 -10.15 -30.08 -6.81
C GLU B 260 -9.72 -29.12 -7.90
N ASN B 261 -10.68 -28.65 -8.69
CA ASN B 261 -10.40 -27.70 -9.76
C ASN B 261 -9.75 -26.44 -9.24
N LYS B 262 -10.22 -25.96 -8.09
CA LYS B 262 -9.67 -24.77 -7.47
C LYS B 262 -8.19 -24.93 -7.15
N TYR B 263 -7.86 -26.02 -6.49
CA TYR B 263 -6.48 -26.26 -6.08
C TYR B 263 -5.60 -26.67 -7.26
N ASN B 264 -6.23 -27.22 -8.30
CA ASN B 264 -5.50 -27.49 -9.54
C ASN B 264 -5.19 -26.18 -10.26
N THR B 265 -6.15 -25.27 -10.26
CA THR B 265 -5.98 -23.95 -10.87
C THR B 265 -4.90 -23.17 -10.14
N ILE B 266 -4.86 -23.32 -8.81
CA ILE B 266 -3.82 -22.70 -8.00
C ILE B 266 -2.44 -23.17 -8.45
N TYR B 267 -2.29 -24.46 -8.68
CA TYR B 267 -1.01 -25.01 -9.12
C TYR B 267 -0.66 -24.56 -10.54
N LYS B 268 -1.67 -24.45 -11.40
CA LYS B 268 -1.43 -24.06 -12.78
C LYS B 268 -0.99 -22.59 -12.89
N GLN B 269 -1.74 -21.70 -12.24
CA GLN B 269 -1.44 -20.28 -12.29
C GLN B 269 -0.28 -19.87 -11.39
N LEU B 270 -0.30 -20.31 -10.13
CA LEU B 270 0.68 -19.86 -9.15
C LEU B 270 1.90 -20.76 -9.04
N GLY B 271 1.86 -21.92 -9.68
CA GLY B 271 2.99 -22.83 -9.67
C GLY B 271 3.31 -23.48 -8.33
N VAL B 272 2.40 -23.36 -7.38
CA VAL B 272 2.60 -23.96 -6.05
C VAL B 272 1.52 -24.97 -5.71
N LYS B 273 1.86 -25.95 -4.88
CA LYS B 273 0.89 -26.93 -4.43
C LYS B 273 0.42 -26.58 -3.02
N LYS B 274 -0.84 -26.15 -2.91
CA LYS B 274 -1.37 -25.71 -1.64
C LYS B 274 -2.07 -26.84 -0.90
N VAL B 275 -1.61 -27.12 0.32
CA VAL B 275 -2.29 -28.06 1.19
C VAL B 275 -3.68 -27.50 1.50
N PRO B 276 -4.73 -28.31 1.24
CA PRO B 276 -6.10 -27.86 1.45
C PRO B 276 -6.36 -27.43 2.88
N ILE B 277 -6.91 -26.24 3.05
CA ILE B 277 -7.20 -25.70 4.36
C ILE B 277 -8.54 -26.23 4.88
N LEU B 278 -8.62 -26.40 6.20
CA LEU B 278 -9.81 -26.97 6.85
C LEU B 278 -11.09 -26.26 6.45
N ASN B 279 -11.01 -24.95 6.25
CA ASN B 279 -12.15 -24.15 5.81
C ASN B 279 -12.68 -24.62 4.46
N ASP B 280 -11.77 -24.84 3.51
CA ASP B 280 -12.15 -25.26 2.17
C ASP B 280 -12.66 -26.70 2.15
N VAL B 281 -12.10 -27.54 3.00
CA VAL B 281 -12.54 -28.92 3.08
C VAL B 281 -13.95 -29.02 3.67
N MSE B 282 -14.18 -28.31 4.77
CA MSE B 282 -15.48 -28.33 5.44
C MSE B 282 -16.57 -27.71 4.56
O MSE B 282 -17.72 -28.13 4.62
CB MSE B 282 -15.40 -27.61 6.78
CG MSE B 282 -14.60 -28.37 7.82
SE MSE B 282 -15.23 -30.22 8.01
CE MSE B 282 -13.93 -30.85 9.32
N ALA B 283 -16.20 -26.70 3.78
CA ALA B 283 -17.14 -26.08 2.86
C ALA B 283 -17.58 -27.09 1.82
N THR B 284 -16.64 -27.90 1.35
CA THR B 284 -16.93 -28.94 0.37
C THR B 284 -17.82 -30.02 0.99
N TYR B 285 -17.49 -30.40 2.22
CA TYR B 285 -18.21 -31.43 2.94
C TYR B 285 -19.65 -31.02 3.24
N THR B 286 -19.84 -29.77 3.65
CA THR B 286 -21.16 -29.25 3.96
C THR B 286 -22.04 -29.19 2.72
N ALA B 287 -21.46 -28.79 1.60
CA ALA B 287 -22.18 -28.72 0.34
C ALA B 287 -22.56 -30.11 -0.14
N ILE B 288 -21.66 -31.06 0.10
CA ILE B 288 -21.90 -32.47 -0.25
C ILE B 288 -23.14 -33.00 0.47
N ASN B 289 -23.25 -32.68 1.75
CA ASN B 289 -24.38 -33.15 2.56
C ASN B 289 -25.70 -32.52 2.18
N SER B 290 -25.67 -31.25 1.80
CA SER B 290 -26.89 -30.51 1.49
C SER B 290 -27.54 -30.99 0.18
N SER B 291 -26.71 -31.37 -0.78
CA SER B 291 -27.20 -31.86 -2.06
C SER B 291 -27.26 -33.39 -2.09
N GLN B 292 -26.85 -34.01 -0.99
CA GLN B 292 -26.82 -35.46 -0.85
C GLN B 292 -26.04 -36.16 -1.97
N ASP B 293 -24.97 -35.54 -2.43
CA ASP B 293 -24.15 -36.18 -3.46
C ASP B 293 -23.03 -36.93 -2.76
N TRP B 294 -23.12 -38.26 -2.77
CA TRP B 294 -22.23 -39.07 -1.97
C TRP B 294 -21.01 -39.55 -2.75
N GLU B 295 -21.02 -39.35 -4.06
CA GLU B 295 -19.89 -39.78 -4.87
C GLU B 295 -18.73 -38.83 -4.63
N SER B 296 -19.06 -37.57 -4.35
CA SER B 296 -18.06 -36.57 -4.03
C SER B 296 -17.43 -36.85 -2.67
N LEU B 297 -18.22 -37.41 -1.76
CA LEU B 297 -17.76 -37.70 -0.41
C LEU B 297 -16.66 -38.76 -0.42
N LYS B 298 -16.82 -39.77 -1.27
CA LYS B 298 -15.83 -40.83 -1.40
C LYS B 298 -14.51 -40.28 -1.95
N LYS B 299 -14.63 -39.44 -2.98
CA LYS B 299 -13.47 -38.84 -3.61
C LYS B 299 -12.82 -37.80 -2.70
N LEU B 300 -13.63 -37.16 -1.86
CA LEU B 300 -13.12 -36.18 -0.90
C LEU B 300 -12.28 -36.86 0.18
N ALA B 301 -12.71 -38.05 0.58
CA ALA B 301 -12.03 -38.81 1.61
C ALA B 301 -10.62 -39.19 1.18
N LYS B 302 -10.48 -39.63 -0.06
CA LYS B 302 -9.19 -40.05 -0.58
C LYS B 302 -8.31 -38.85 -0.89
N TYR B 303 -8.95 -37.73 -1.21
CA TYR B 303 -8.24 -36.50 -1.53
C TYR B 303 -7.54 -35.92 -0.31
N VAL B 304 -8.26 -35.84 0.81
CA VAL B 304 -7.68 -35.28 2.02
C VAL B 304 -6.70 -36.27 2.63
N GLU B 305 -6.92 -37.56 2.38
CA GLU B 305 -5.98 -38.58 2.83
C GLU B 305 -4.64 -38.40 2.11
N SER B 306 -4.71 -38.01 0.85
CA SER B 306 -3.52 -37.81 0.04
C SER B 306 -2.74 -36.57 0.48
N ASN B 307 -3.43 -35.47 0.74
CA ASN B 307 -2.73 -34.28 1.19
C ASN B 307 -3.05 -33.83 2.62
N GLY B 308 -2.11 -34.10 3.52
CA GLY B 308 -2.02 -33.45 4.81
C GLY B 308 -2.84 -34.03 5.96
N TYR B 309 -3.92 -34.72 5.64
CA TYR B 309 -4.83 -35.22 6.67
C TYR B 309 -4.66 -36.71 7.04
N LEU B 310 -3.68 -37.38 6.45
CA LEU B 310 -3.46 -38.81 6.67
C LEU B 310 -3.40 -39.21 8.15
N LYS B 311 -2.86 -38.32 8.98
CA LYS B 311 -2.64 -38.61 10.39
C LYS B 311 -3.84 -38.23 11.24
N THR B 312 -4.93 -37.83 10.58
CA THR B 312 -6.15 -37.44 11.26
C THR B 312 -7.29 -38.41 10.98
N ALA B 313 -8.26 -38.46 11.88
CA ALA B 313 -9.40 -39.36 11.74
C ALA B 313 -10.33 -39.00 10.58
N MSE B 314 -10.12 -37.84 9.99
CA MSE B 314 -11.05 -37.31 8.98
C MSE B 314 -11.23 -38.17 7.72
O MSE B 314 -12.37 -38.40 7.31
CB MSE B 314 -10.62 -35.89 8.57
CG MSE B 314 -11.69 -35.16 7.80
SE MSE B 314 -11.26 -33.28 7.53
CE MSE B 314 -9.97 -33.50 6.10
N PRO B 315 -10.14 -38.64 7.07
CA PRO B 315 -10.34 -39.39 5.84
C PRO B 315 -11.21 -40.63 6.00
N ASN B 316 -10.98 -41.40 7.06
CA ASN B 316 -11.76 -42.61 7.27
C ASN B 316 -13.16 -42.31 7.82
N PHE B 317 -13.32 -41.14 8.44
CA PHE B 317 -14.63 -40.71 8.89
C PHE B 317 -15.51 -40.40 7.69
N PHE B 318 -14.95 -39.69 6.72
CA PHE B 318 -15.67 -39.38 5.48
C PHE B 318 -16.02 -40.65 4.72
N LEU B 319 -15.06 -41.57 4.65
CA LEU B 319 -15.25 -42.82 3.94
C LEU B 319 -16.29 -43.70 4.62
N ALA B 320 -16.25 -43.74 5.95
CA ALA B 320 -17.21 -44.53 6.71
C ALA B 320 -18.63 -44.01 6.52
N GLU B 321 -18.78 -42.69 6.48
CA GLU B 321 -20.08 -42.09 6.23
C GLU B 321 -20.56 -42.42 4.83
N TYR B 322 -19.64 -42.47 3.88
CA TYR B 322 -19.97 -42.81 2.49
C TYR B 322 -20.54 -44.21 2.39
N TYR B 323 -19.94 -45.15 3.12
CA TYR B 323 -20.38 -46.53 3.09
C TYR B 323 -21.79 -46.67 3.67
N GLU B 324 -22.12 -45.86 4.66
CA GLU B 324 -23.46 -45.83 5.21
C GLU B 324 -24.46 -45.32 4.18
N LYS B 325 -24.07 -44.30 3.44
CA LYS B 325 -24.97 -43.68 2.46
C LYS B 325 -25.29 -44.60 1.29
N ILE B 326 -24.35 -45.46 0.92
CA ILE B 326 -24.58 -46.38 -0.19
C ILE B 326 -25.09 -47.73 0.29
N GLY B 327 -25.27 -47.86 1.59
CA GLY B 327 -25.93 -49.02 2.16
C GLY B 327 -25.03 -50.15 2.65
N ASP B 328 -23.73 -49.90 2.74
CA ASP B 328 -22.84 -50.92 3.27
C ASP B 328 -22.49 -50.58 4.71
N ASP B 329 -23.07 -51.33 5.64
CA ASP B 329 -22.79 -51.16 7.06
C ASP B 329 -21.52 -51.89 7.47
N LYS B 330 -21.26 -53.01 6.78
CA LYS B 330 -20.12 -53.86 7.08
C LYS B 330 -18.80 -53.10 6.94
N LYS B 331 -18.62 -52.45 5.79
CA LYS B 331 -17.41 -51.67 5.53
C LYS B 331 -17.39 -50.40 6.38
N ALA B 332 -18.57 -49.84 6.62
CA ALA B 332 -18.70 -48.63 7.42
C ALA B 332 -18.21 -48.85 8.84
N LEU B 333 -18.63 -49.96 9.43
CA LEU B 333 -18.22 -50.31 10.79
C LEU B 333 -16.72 -50.52 10.88
N LYS B 334 -16.17 -51.23 9.92
CA LYS B 334 -14.73 -51.47 9.86
C LYS B 334 -13.96 -50.17 9.69
N THR B 335 -14.53 -49.26 8.91
CA THR B 335 -13.87 -47.99 8.60
C THR B 335 -13.97 -47.00 9.78
N TYR B 336 -15.10 -47.00 10.46
CA TYR B 336 -15.26 -46.17 11.65
C TYR B 336 -14.24 -46.57 12.72
N GLN B 337 -14.08 -47.88 12.92
CA GLN B 337 -13.12 -48.40 13.89
C GLN B 337 -11.69 -48.04 13.50
N LYS B 338 -11.47 -47.87 12.21
CA LYS B 338 -10.15 -47.49 11.71
C LYS B 338 -9.90 -46.00 11.96
N ALA B 339 -10.97 -45.21 11.91
CA ALA B 339 -10.87 -43.78 12.13
C ALA B 339 -10.65 -43.46 13.61
N TYR B 340 -11.18 -44.32 14.47
CA TYR B 340 -11.09 -44.13 15.91
C TYR B 340 -9.65 -44.19 16.41
N THR B 341 -8.77 -44.82 15.63
CA THR B 341 -7.37 -45.00 16.02
C THR B 341 -6.53 -43.79 15.63
N GLU B 342 -7.18 -42.78 15.04
CA GLU B 342 -6.48 -41.59 14.59
C GLU B 342 -6.94 -40.37 15.39
N PRO B 343 -6.05 -39.37 15.55
CA PRO B 343 -6.35 -38.16 16.33
C PRO B 343 -7.59 -37.39 15.87
N ASN B 344 -8.21 -36.68 16.80
CA ASN B 344 -9.38 -35.88 16.50
C ASN B 344 -9.05 -34.63 15.71
N ILE B 345 -9.95 -34.24 14.80
CA ILE B 345 -9.83 -32.98 14.09
C ILE B 345 -11.21 -32.34 13.95
N ASP B 346 -11.31 -31.07 14.29
CA ASP B 346 -12.57 -30.32 14.24
C ASP B 346 -13.68 -31.06 14.99
N PHE B 347 -14.80 -31.32 14.33
CA PHE B 347 -15.93 -31.97 14.96
C PHE B 347 -15.82 -33.49 14.91
N ILE B 348 -14.73 -34.00 14.36
CA ILE B 348 -14.51 -35.44 14.32
C ILE B 348 -13.79 -35.85 15.59
N THR B 349 -14.47 -36.62 16.42
CA THR B 349 -13.95 -37.00 17.72
C THR B 349 -14.18 -38.47 17.99
N GLY B 350 -13.44 -39.01 18.97
CA GLY B 350 -13.61 -40.39 19.38
C GLY B 350 -15.03 -40.67 19.86
N ASP B 351 -15.62 -39.69 20.54
CA ASP B 351 -16.97 -39.83 21.06
C ASP B 351 -17.99 -39.93 19.94
N LEU B 352 -17.85 -39.07 18.93
CA LEU B 352 -18.76 -39.07 17.80
C LEU B 352 -18.66 -40.37 17.00
N ILE B 353 -17.42 -40.81 16.77
CA ILE B 353 -17.18 -42.05 16.06
C ILE B 353 -17.79 -43.23 16.80
N ASN B 354 -17.68 -43.21 18.13
CA ASN B 354 -18.23 -44.28 18.96
C ASN B 354 -19.75 -44.38 18.85
N GLU B 355 -20.41 -43.23 18.77
CA GLU B 355 -21.87 -43.20 18.61
C GLU B 355 -22.27 -43.86 17.29
N ARG B 356 -21.48 -43.62 16.25
CA ARG B 356 -21.71 -44.23 14.95
C ARG B 356 -21.48 -45.73 15.00
N ILE B 357 -20.44 -46.14 15.71
CA ILE B 357 -20.11 -47.55 15.87
C ILE B 357 -21.18 -48.27 16.68
N THR B 358 -21.64 -47.61 17.75
CA THR B 358 -22.67 -48.18 18.61
C THR B 358 -23.97 -48.40 17.83
N HIS B 359 -24.31 -47.43 16.97
CA HIS B 359 -25.53 -47.51 16.19
C HIS B 359 -25.46 -48.63 15.15
N LEU B 360 -24.26 -48.88 14.63
CA LEU B 360 -24.07 -49.91 13.63
C LEU B 360 -24.04 -51.32 14.24
N GLN B 361 -23.57 -51.42 15.48
CA GLN B 361 -23.50 -52.70 16.17
C GLN B 361 -24.83 -53.04 16.84
N ALA B 362 -25.73 -52.07 16.89
CA ALA B 362 -27.06 -52.29 17.43
C ALA B 362 -27.94 -53.01 16.42
N THR B 363 -27.68 -52.76 15.14
CA THR B 363 -28.45 -53.36 14.06
C THR B 363 -27.69 -54.51 13.40
C1 GOL C . -5.41 14.42 -2.84
O1 GOL C . -4.83 14.65 -1.58
C2 GOL C . -4.32 14.09 -3.85
O2 GOL C . -4.77 13.05 -4.70
C3 GOL C . -3.99 15.33 -4.68
O3 GOL C . -5.15 15.80 -5.32
C1 GOL D . 18.32 23.97 0.67
O1 GOL D . 17.25 23.93 1.59
C2 GOL D . 19.26 25.12 1.02
O2 GOL D . 19.11 25.46 2.38
C3 GOL D . 20.71 24.69 0.76
O3 GOL D . 21.58 25.75 1.09
C1 GOL E . 15.80 32.83 -14.10
O1 GOL E . 16.46 32.91 -15.34
C2 GOL E . 15.21 31.44 -13.94
O2 GOL E . 15.84 30.56 -14.84
C3 GOL E . 15.43 30.94 -12.51
O3 GOL E . 14.87 29.67 -12.34
C ACT F . -11.08 -9.10 -6.01
O ACT F . -10.45 -9.53 -7.00
OXT ACT F . -11.49 -9.97 -5.21
CH3 ACT F . -11.34 -7.63 -5.79
C ACT G . 17.07 36.83 -13.77
O ACT G . 17.97 36.37 -14.50
OXT ACT G . 17.44 37.52 -12.80
CH3 ACT G . 15.62 36.56 -14.04
C1 GOL H . -3.66 -30.42 10.94
O1 GOL H . -3.79 -31.75 11.38
C2 GOL H . -3.24 -30.42 9.47
O2 GOL H . -3.54 -31.68 8.90
C3 GOL H . -4.00 -29.33 8.72
O3 GOL H . -3.63 -29.35 7.36
C ACT I . -22.35 -34.78 10.74
O ACT I . -21.72 -35.86 10.71
OXT ACT I . -22.69 -34.31 9.63
CH3 ACT I . -22.66 -34.08 12.04
#